data_6H70
#
_entry.id   6H70
#
_cell.length_a   172.170
_cell.length_b   89.210
_cell.length_c   62.150
_cell.angle_alpha   90.00
_cell.angle_beta   106.92
_cell.angle_gamma   90.00
#
_symmetry.space_group_name_H-M   'C 1 2 1'
#
loop_
_entity.id
_entity.type
_entity.pdbx_description
1 polymer 'Capsid protein VP1'
2 polymer 'Nanobody (VHH) Nano-62'
3 branched alpha-L-fucopyranose-(1-2)-beta-D-galactopyranose-(1-4)-alpha-D-glucopyranose
4 non-polymer 'SODIUM ION'
5 non-polymer 1,2-ETHANEDIOL
6 water water
#
loop_
_entity_poly.entity_id
_entity_poly.type
_entity_poly.pdbx_seq_one_letter_code
_entity_poly.pdbx_strand_id
1 'polypeptide(L)'
;KTRPFTLPNLPLSSLSNSRAPLPISSIGISPDNVQSVQFQNGRCTLDGRLVGTTPVSLSHVAKIRGTSNGTVINLTELDG
TPFHPFEGPAPIGFPDLGGCDWHINMTQFGHSSQTQYDVDTTPDTFVPHLGSIQANGIGSGNYVGVLSWISPPSHPSGSQ
VDLWKIPNYGSSITEATHLAPSVYPPGFGEVLVFFMSKMPGPGAYNLPCLLPQEYISHLASEQAPTVGEAALLHYVDPDT
GRNLGEFKAYPDGFLTCVPNGASSGPQQLPINGVFVFVSWVSRFYQLKPVGT
;
A,B
2 'polypeptide(L)'
;QVQLQESGGGLVMTGGSLRLSCAVSGRTIDVSVMAWFRQAPGKEREFVSGMRWSGMTTYSADSVKDRFTISRDKTKNTVY
LQMNSLKPEDTAVYYCAARSRFIVGVPQARDLYDYWGQGTQVTVSSGRYPYDVPDYGSGRA
;
C,D
#
# COMPACT_ATOMS: atom_id res chain seq x y z
N THR A 2 9.91 5.20 -23.03
CA THR A 2 8.74 5.21 -22.16
C THR A 2 8.83 4.12 -21.10
N ARG A 3 8.51 4.47 -19.86
CA ARG A 3 8.55 3.52 -18.76
C ARG A 3 7.55 2.38 -19.03
N PRO A 4 7.99 1.12 -19.04
CA PRO A 4 7.06 0.02 -19.34
C PRO A 4 6.01 -0.16 -18.25
N PHE A 5 4.80 -0.53 -18.67
CA PHE A 5 3.73 -0.83 -17.74
C PHE A 5 4.01 -2.13 -16.98
N THR A 6 3.76 -2.10 -15.67
CA THR A 6 3.88 -3.27 -14.80
C THR A 6 2.79 -3.21 -13.74
N LEU A 7 2.53 -4.36 -13.13
CA LEU A 7 1.74 -4.51 -11.91
C LEU A 7 2.65 -5.07 -10.82
N PRO A 8 2.31 -4.87 -9.55
CA PRO A 8 3.20 -5.33 -8.47
C PRO A 8 3.50 -6.82 -8.58
N ASN A 9 4.72 -7.18 -8.21
CA ASN A 9 5.16 -8.57 -8.20
C ASN A 9 4.86 -9.16 -6.82
N LEU A 10 3.55 -9.30 -6.53
CA LEU A 10 3.07 -9.66 -5.20
C LEU A 10 1.82 -10.53 -5.36
N PRO A 11 1.61 -11.52 -4.49
CA PRO A 11 0.40 -12.35 -4.60
C PRO A 11 -0.83 -11.61 -4.06
N LEU A 12 -1.97 -11.89 -4.68
CA LEU A 12 -3.20 -11.18 -4.31
C LEU A 12 -3.54 -11.37 -2.83
N SER A 13 -3.25 -12.56 -2.30
CA SER A 13 -3.56 -12.86 -0.90
C SER A 13 -2.81 -11.95 0.05
N SER A 14 -1.76 -11.27 -0.40
CA SER A 14 -0.98 -10.36 0.46
CA SER A 14 -1.02 -10.37 0.49
C SER A 14 -1.46 -8.92 0.39
N LEU A 15 -2.47 -8.60 -0.44
CA LEU A 15 -2.85 -7.21 -0.72
C LEU A 15 -4.16 -6.84 -0.02
N SER A 16 -4.55 -5.57 -0.18
CA SER A 16 -5.69 -5.00 0.53
C SER A 16 -6.78 -4.55 -0.44
N ASN A 17 -8.03 -4.61 0.04
CA ASN A 17 -9.14 -3.93 -0.62
C ASN A 17 -8.85 -2.42 -0.70
N SER A 18 -9.46 -1.75 -1.68
CA SER A 18 -9.30 -0.30 -1.80
C SER A 18 -10.53 0.48 -1.35
N ARG A 19 -11.59 -0.21 -0.92
CA ARG A 19 -12.78 0.46 -0.38
C ARG A 19 -12.92 0.31 1.13
N ALA A 20 -12.07 -0.51 1.75
CA ALA A 20 -11.99 -0.62 3.21
C ALA A 20 -10.65 -1.26 3.53
N PRO A 21 -10.10 -1.03 4.74
CA PRO A 21 -8.79 -1.62 5.07
C PRO A 21 -8.87 -3.11 5.41
N LEU A 22 -9.10 -3.94 4.40
CA LEU A 22 -9.31 -5.37 4.60
C LEU A 22 -8.43 -6.20 3.68
N PRO A 23 -7.92 -7.33 4.16
CA PRO A 23 -7.18 -8.24 3.27
C PRO A 23 -8.07 -8.76 2.14
N ILE A 24 -7.46 -9.02 0.99
CA ILE A 24 -8.17 -9.63 -0.14
C ILE A 24 -8.34 -11.12 0.16
N SER A 25 -9.57 -11.62 -0.01
CA SER A 25 -9.85 -13.02 0.24
C SER A 25 -10.29 -13.82 -0.99
N SER A 26 -10.73 -13.18 -2.06
CA SER A 26 -11.11 -13.93 -3.26
C SER A 26 -11.17 -12.99 -4.45
N ILE A 27 -11.26 -13.59 -5.64
CA ILE A 27 -11.60 -12.88 -6.87
C ILE A 27 -13.06 -13.18 -7.17
N GLY A 28 -13.81 -12.16 -7.58
CA GLY A 28 -15.22 -12.34 -7.84
C GLY A 28 -15.68 -11.65 -9.11
N ILE A 29 -16.89 -12.01 -9.52
CA ILE A 29 -17.63 -11.27 -10.52
C ILE A 29 -18.96 -10.90 -9.88
N SER A 30 -19.62 -9.90 -10.47
CA SER A 30 -20.88 -9.40 -9.92
C SER A 30 -22.04 -10.33 -10.26
N PRO A 31 -23.18 -10.20 -9.57
CA PRO A 31 -24.39 -10.87 -10.02
C PRO A 31 -24.79 -10.33 -11.39
N ASP A 32 -25.65 -11.08 -12.08
CA ASP A 32 -25.99 -10.74 -13.45
C ASP A 32 -26.77 -9.45 -13.57
N ASN A 33 -27.41 -8.99 -12.50
CA ASN A 33 -28.15 -7.72 -12.57
C ASN A 33 -27.23 -6.51 -12.40
N VAL A 34 -25.94 -6.72 -12.20
CA VAL A 34 -24.95 -5.65 -12.09
C VAL A 34 -24.07 -5.69 -13.33
N GLN A 35 -24.22 -4.70 -14.21
CA GLN A 35 -23.44 -4.63 -15.43
C GLN A 35 -22.39 -3.53 -15.40
N SER A 36 -22.54 -2.56 -14.51
CA SER A 36 -21.55 -1.51 -14.37
C SER A 36 -21.52 -1.11 -12.91
N VAL A 37 -20.44 -0.44 -12.50
CA VAL A 37 -20.29 0.07 -11.14
C VAL A 37 -19.74 1.49 -11.20
N GLN A 38 -19.86 2.19 -10.08
CA GLN A 38 -19.40 3.56 -10.02
C GLN A 38 -18.76 3.85 -8.68
N PHE A 39 -17.91 2.92 -8.22
CA PHE A 39 -17.19 3.10 -6.96
C PHE A 39 -16.41 4.40 -7.00
N GLN A 40 -16.32 5.07 -5.85
CA GLN A 40 -15.56 6.31 -5.77
C GLN A 40 -14.18 6.13 -5.15
N ASN A 41 -13.99 5.07 -4.37
CA ASN A 41 -12.66 4.69 -3.93
C ASN A 41 -12.15 3.53 -4.78
N GLY A 42 -10.83 3.34 -4.74
CA GLY A 42 -10.26 2.30 -5.57
C GLY A 42 -10.30 2.60 -7.04
N ARG A 43 -10.17 3.87 -7.41
CA ARG A 43 -10.26 4.32 -8.79
C ARG A 43 -8.93 4.95 -9.17
N CYS A 44 -8.22 4.33 -10.10
CA CYS A 44 -6.91 4.81 -10.52
C CYS A 44 -6.70 4.40 -11.96
N THR A 45 -6.31 5.33 -12.83
CA THR A 45 -6.05 4.95 -14.21
C THR A 45 -4.75 4.14 -14.30
N LEU A 46 -4.55 3.50 -15.46
CA LEU A 46 -3.34 2.70 -15.63
C LEU A 46 -2.08 3.55 -15.68
N ASP A 47 -2.20 4.86 -15.98
CA ASP A 47 -1.06 5.75 -15.91
C ASP A 47 -0.97 6.50 -14.58
N GLY A 48 -1.75 6.10 -13.59
CA GLY A 48 -1.53 6.52 -12.21
C GLY A 48 -2.33 7.72 -11.76
N ARG A 49 -3.40 8.09 -12.47
CA ARG A 49 -4.21 9.25 -12.09
C ARG A 49 -5.32 8.80 -11.16
N LEU A 50 -5.35 9.38 -9.95
CA LEU A 50 -6.37 9.06 -8.96
C LEU A 50 -7.67 9.78 -9.30
N VAL A 51 -8.79 9.06 -9.17
CA VAL A 51 -10.12 9.53 -9.53
C VAL A 51 -11.07 9.39 -8.33
N GLY A 52 -12.15 10.16 -8.35
CA GLY A 52 -13.14 10.04 -7.27
C GLY A 52 -12.54 10.49 -5.95
N THR A 53 -12.79 9.73 -4.88
CA THR A 53 -12.24 10.04 -3.56
C THR A 53 -10.99 9.22 -3.24
N THR A 54 -10.45 8.53 -4.24
CA THR A 54 -9.39 7.54 -4.01
C THR A 54 -8.12 8.19 -3.46
N PRO A 55 -7.56 7.71 -2.35
CA PRO A 55 -6.26 8.18 -1.88
C PRO A 55 -5.12 7.29 -2.38
N VAL A 56 -3.90 7.79 -2.20
CA VAL A 56 -2.71 6.99 -2.49
C VAL A 56 -2.61 5.81 -1.54
N SER A 57 -2.91 6.04 -0.26
CA SER A 57 -2.55 5.14 0.82
C SER A 57 -3.77 4.56 1.51
N LEU A 58 -3.66 3.28 1.91
CA LEU A 58 -4.72 2.63 2.69
C LEU A 58 -4.97 3.34 4.01
N SER A 59 -4.00 4.11 4.53
CA SER A 59 -4.24 4.81 5.79
C SER A 59 -5.31 5.90 5.68
N HIS A 60 -5.79 6.20 4.47
CA HIS A 60 -6.86 7.15 4.25
C HIS A 60 -8.18 6.51 3.84
N VAL A 61 -8.22 5.19 3.65
CA VAL A 61 -9.35 4.52 3.00
C VAL A 61 -10.48 4.27 4.00
N ALA A 62 -11.71 4.72 3.63
CA ALA A 62 -12.92 4.52 4.43
C ALA A 62 -12.82 5.21 5.79
N LYS A 63 -12.32 6.44 5.80
CA LYS A 63 -12.20 7.22 7.02
C LYS A 63 -12.92 8.54 6.88
N ILE A 64 -13.25 9.14 8.02
CA ILE A 64 -13.84 10.46 8.05
C ILE A 64 -13.09 11.28 9.08
N ARG A 65 -13.19 12.59 8.94
CA ARG A 65 -12.63 13.52 9.91
C ARG A 65 -13.56 14.73 9.96
N GLY A 66 -13.89 15.19 11.15
CA GLY A 66 -14.70 16.39 11.22
C GLY A 66 -15.06 16.72 12.65
N THR A 67 -15.83 17.80 12.80
CA THR A 67 -16.22 18.31 14.10
C THR A 67 -17.73 18.16 14.27
N SER A 68 -18.13 17.44 15.30
CA SER A 68 -19.55 17.34 15.64
C SER A 68 -19.93 18.53 16.51
N ASN A 69 -21.13 19.07 16.26
CA ASN A 69 -21.73 20.01 17.20
C ASN A 69 -22.96 19.41 17.88
N GLY A 70 -23.10 18.09 17.81
CA GLY A 70 -24.25 17.39 18.36
C GLY A 70 -25.40 17.22 17.40
N THR A 71 -25.45 18.01 16.34
CA THR A 71 -26.47 17.91 15.30
C THR A 71 -25.89 17.44 13.98
N VAL A 72 -24.80 18.04 13.53
CA VAL A 72 -24.11 17.61 12.33
C VAL A 72 -22.63 17.43 12.65
N ILE A 73 -21.97 16.67 11.79
CA ILE A 73 -20.52 16.62 11.72
C ILE A 73 -20.12 17.41 10.48
N ASN A 74 -19.36 18.48 10.68
CA ASN A 74 -18.85 19.26 9.56
C ASN A 74 -17.51 18.67 9.14
N LEU A 75 -17.45 18.16 7.93
CA LEU A 75 -16.30 17.35 7.50
C LEU A 75 -15.11 18.20 7.11
N THR A 76 -13.92 17.67 7.34
CA THR A 76 -12.68 18.19 6.79
C THR A 76 -11.99 17.06 6.02
N GLU A 77 -10.87 17.38 5.37
CA GLU A 77 -10.03 16.28 4.91
C GLU A 77 -9.40 15.61 6.13
N LEU A 78 -8.83 14.40 5.90
CA LEU A 78 -8.32 13.59 7.00
C LEU A 78 -7.23 14.30 7.80
N ASP A 79 -6.42 15.14 7.16
CA ASP A 79 -5.37 15.86 7.87
C ASP A 79 -5.86 17.17 8.50
N GLY A 80 -7.16 17.45 8.43
CA GLY A 80 -7.70 18.67 8.98
C GLY A 80 -7.88 19.79 7.99
N THR A 81 -7.37 19.63 6.77
CA THR A 81 -7.51 20.64 5.72
C THR A 81 -8.99 20.89 5.45
N PRO A 82 -9.40 22.14 5.21
CA PRO A 82 -10.82 22.38 4.92
C PRO A 82 -11.27 21.60 3.70
N PHE A 83 -12.52 21.16 3.73
CA PHE A 83 -13.18 20.50 2.61
C PHE A 83 -14.21 21.45 2.02
N HIS A 84 -14.08 21.76 0.73
CA HIS A 84 -15.02 22.79 0.29
C HIS A 84 -16.27 22.15 -0.30
N PRO A 85 -17.44 22.68 -0.01
CA PRO A 85 -18.68 22.09 -0.53
C PRO A 85 -18.84 22.40 -2.02
N PHE A 86 -19.77 21.68 -2.64
CA PHE A 86 -20.20 21.90 -4.02
C PHE A 86 -19.10 21.58 -5.03
N GLU A 87 -18.14 20.73 -4.66
CA GLU A 87 -17.02 20.45 -5.55
C GLU A 87 -16.93 18.99 -5.95
N GLY A 88 -16.95 18.08 -4.99
CA GLY A 88 -16.82 16.67 -5.27
C GLY A 88 -17.78 15.88 -4.39
N PRO A 89 -17.78 14.55 -4.53
CA PRO A 89 -18.75 13.77 -3.75
C PRO A 89 -18.53 13.86 -2.25
N ALA A 90 -17.28 13.95 -1.83
CA ALA A 90 -16.93 13.82 -0.42
C ALA A 90 -15.44 14.05 -0.25
N PRO A 91 -14.92 14.19 0.97
CA PRO A 91 -13.47 14.30 1.14
C PRO A 91 -12.74 13.05 0.68
N ILE A 92 -11.45 13.20 0.42
CA ILE A 92 -10.60 12.06 0.05
C ILE A 92 -10.72 10.96 1.09
N GLY A 93 -10.89 9.72 0.63
CA GLY A 93 -10.95 8.56 1.52
C GLY A 93 -12.30 8.28 2.11
N PHE A 94 -13.27 9.18 1.95
CA PHE A 94 -14.59 9.00 2.54
C PHE A 94 -15.20 7.68 2.07
N PRO A 95 -15.84 6.92 2.96
CA PRO A 95 -16.35 5.60 2.57
C PRO A 95 -17.33 5.69 1.41
N ASP A 96 -17.31 4.67 0.55
CA ASP A 96 -18.16 4.69 -0.63
C ASP A 96 -19.03 3.44 -0.70
N LEU A 97 -19.30 2.81 0.44
CA LEU A 97 -20.14 1.61 0.44
C LEU A 97 -21.61 2.03 0.46
N GLY A 98 -22.29 1.88 -0.67
CA GLY A 98 -23.73 2.02 -0.70
C GLY A 98 -24.39 0.76 -0.17
N GLY A 99 -25.71 0.81 -0.09
CA GLY A 99 -26.48 -0.38 0.26
C GLY A 99 -26.20 -0.99 1.61
N CYS A 100 -25.92 -0.15 2.62
CA CYS A 100 -25.70 -0.64 3.97
C CYS A 100 -25.71 0.55 4.93
N ASP A 101 -25.92 0.25 6.21
CA ASP A 101 -25.59 1.21 7.27
C ASP A 101 -24.12 1.03 7.63
N TRP A 102 -23.45 2.14 7.94
CA TRP A 102 -22.06 2.10 8.35
C TRP A 102 -21.97 2.20 9.87
N HIS A 103 -20.94 1.57 10.42
CA HIS A 103 -20.63 1.72 11.83
C HIS A 103 -19.17 2.08 11.89
N ILE A 104 -18.92 3.33 12.25
CA ILE A 104 -17.61 3.97 12.15
C ILE A 104 -17.07 4.10 13.56
N ASN A 105 -15.83 3.66 13.77
CA ASN A 105 -15.21 3.78 15.08
C ASN A 105 -14.55 5.14 15.16
N MET A 106 -15.03 5.97 16.09
CA MET A 106 -14.59 7.37 16.24
C MET A 106 -13.61 7.50 17.40
N THR A 107 -12.45 8.07 17.13
CA THR A 107 -11.48 8.38 18.19
C THR A 107 -11.07 9.84 18.09
N GLN A 108 -10.26 10.28 19.05
CA GLN A 108 -9.90 11.69 19.15
C GLN A 108 -8.42 11.84 19.50
N PHE A 109 -7.79 12.85 18.90
CA PHE A 109 -6.44 13.19 19.31
C PHE A 109 -6.52 13.97 20.61
N GLY A 110 -5.89 13.45 21.65
CA GLY A 110 -5.84 14.13 22.92
C GLY A 110 -6.89 13.71 23.93
N HIS A 111 -7.75 12.74 23.61
CA HIS A 111 -8.75 12.26 24.54
C HIS A 111 -8.81 10.74 24.51
N SER A 112 -9.21 10.17 25.64
CA SER A 112 -9.45 8.74 25.72
C SER A 112 -10.72 8.38 24.95
N SER A 113 -10.89 7.07 24.71
CA SER A 113 -12.14 6.41 24.35
C SER A 113 -12.43 6.36 22.86
N GLN A 114 -13.35 5.47 22.51
CA GLN A 114 -13.85 5.33 21.15
C GLN A 114 -15.36 5.29 21.21
N THR A 115 -16.00 5.67 20.10
CA THR A 115 -17.44 5.75 20.02
C THR A 115 -17.90 5.17 18.70
N GLN A 116 -18.91 4.32 18.74
CA GLN A 116 -19.49 3.79 17.52
C GLN A 116 -20.47 4.83 16.92
N TYR A 117 -20.18 5.26 15.70
CA TYR A 117 -21.01 6.23 14.98
C TYR A 117 -21.81 5.46 13.92
N ASP A 118 -23.13 5.51 14.03
CA ASP A 118 -24.02 4.74 13.16
C ASP A 118 -24.54 5.63 12.04
N VAL A 119 -24.28 5.25 10.78
CA VAL A 119 -24.55 6.09 9.63
C VAL A 119 -25.57 5.40 8.73
N ASP A 120 -26.78 5.95 8.67
CA ASP A 120 -27.72 5.69 7.60
C ASP A 120 -27.40 6.68 6.49
N THR A 121 -27.02 6.20 5.31
CA THR A 121 -26.62 7.11 4.25
C THR A 121 -27.78 7.60 3.40
N THR A 122 -29.00 7.23 3.73
CA THR A 122 -30.14 7.61 2.89
C THR A 122 -30.83 8.94 3.20
N PRO A 123 -30.79 9.48 4.42
CA PRO A 123 -31.61 10.68 4.68
C PRO A 123 -31.02 11.95 4.07
N ASP A 124 -31.85 12.98 3.98
CA ASP A 124 -31.37 14.22 3.40
C ASP A 124 -30.35 14.93 4.30
N THR A 125 -30.15 14.47 5.53
CA THR A 125 -29.09 15.05 6.36
C THR A 125 -27.73 14.46 6.04
N PHE A 126 -27.66 13.41 5.23
CA PHE A 126 -26.40 12.83 4.81
C PHE A 126 -25.98 13.53 3.52
N VAL A 127 -25.21 14.60 3.65
CA VAL A 127 -24.86 15.38 2.46
C VAL A 127 -23.36 15.68 2.43
N PRO A 128 -22.51 14.64 2.32
CA PRO A 128 -21.06 14.88 2.29
C PRO A 128 -20.61 15.78 1.14
N HIS A 129 -21.35 15.82 0.02
CA HIS A 129 -21.02 16.73 -1.06
C HIS A 129 -21.02 18.18 -0.59
N LEU A 130 -21.84 18.49 0.42
CA LEU A 130 -21.89 19.81 1.03
C LEU A 130 -21.07 19.88 2.32
N GLY A 131 -20.37 18.81 2.68
CA GLY A 131 -19.49 18.83 3.83
C GLY A 131 -20.15 18.54 5.15
N SER A 132 -21.34 17.96 5.15
CA SER A 132 -22.09 17.81 6.37
C SER A 132 -22.85 16.49 6.36
N ILE A 133 -22.83 15.79 7.49
CA ILE A 133 -23.57 14.55 7.70
C ILE A 133 -24.14 14.58 9.10
N GLN A 134 -25.22 13.82 9.34
CA GLN A 134 -25.88 13.87 10.64
C GLN A 134 -24.97 13.33 11.73
N ALA A 135 -25.02 13.95 12.92
CA ALA A 135 -24.24 13.47 14.04
C ALA A 135 -24.81 12.21 14.66
N ASN A 136 -26.13 12.00 14.56
CA ASN A 136 -26.81 10.83 15.13
C ASN A 136 -26.30 10.48 16.53
N GLY A 137 -26.27 11.48 17.41
CA GLY A 137 -25.92 11.22 18.80
C GLY A 137 -24.45 11.40 19.16
N ILE A 138 -23.56 11.60 18.20
CA ILE A 138 -22.16 11.84 18.50
C ILE A 138 -22.00 13.23 19.13
N GLY A 139 -21.48 13.25 20.36
CA GLY A 139 -21.35 14.52 21.08
C GLY A 139 -20.33 15.46 20.47
N SER A 140 -20.41 16.72 20.89
CA SER A 140 -19.54 17.76 20.34
C SER A 140 -18.07 17.39 20.49
N GLY A 141 -17.29 17.67 19.47
CA GLY A 141 -15.86 17.39 19.50
C GLY A 141 -15.33 17.15 18.10
N ASN A 142 -14.01 17.08 18.01
CA ASN A 142 -13.35 16.72 16.76
C ASN A 142 -12.98 15.24 16.82
N TYR A 143 -13.27 14.52 15.74
CA TYR A 143 -13.07 13.08 15.66
C TYR A 143 -12.39 12.70 14.35
N VAL A 144 -11.68 11.58 14.41
CA VAL A 144 -11.33 10.81 13.23
C VAL A 144 -12.01 9.45 13.38
N GLY A 145 -12.60 8.96 12.30
CA GLY A 145 -13.29 7.68 12.35
C GLY A 145 -12.88 6.79 11.19
N VAL A 146 -12.94 5.48 11.43
CA VAL A 146 -12.71 4.50 10.39
C VAL A 146 -13.87 3.52 10.36
N LEU A 147 -14.28 3.12 9.16
CA LEU A 147 -15.33 2.11 9.06
C LEU A 147 -14.89 0.83 9.77
N SER A 148 -15.73 0.28 10.65
CA SER A 148 -15.41 -0.93 11.39
CA SER A 148 -15.39 -0.94 11.38
C SER A 148 -16.29 -2.11 11.05
N TRP A 149 -17.59 -1.91 10.88
CA TRP A 149 -18.48 -3.00 10.46
C TRP A 149 -19.70 -2.39 9.80
N ILE A 150 -20.50 -3.22 9.11
CA ILE A 150 -21.67 -2.74 8.39
C ILE A 150 -22.88 -3.61 8.75
N SER A 151 -24.06 -3.13 8.36
CA SER A 151 -25.29 -3.88 8.59
C SER A 151 -26.30 -3.48 7.51
N PRO A 152 -27.45 -4.16 7.46
CA PRO A 152 -28.44 -3.81 6.44
C PRO A 152 -28.89 -2.37 6.56
N PRO A 153 -29.25 -1.74 5.44
CA PRO A 153 -29.66 -0.33 5.48
C PRO A 153 -30.90 -0.13 6.34
N SER A 154 -30.91 0.98 7.09
CA SER A 154 -32.10 1.33 7.86
C SER A 154 -33.28 1.64 6.95
N HIS A 155 -33.03 2.11 5.74
CA HIS A 155 -34.06 2.40 4.73
C HIS A 155 -33.53 2.03 3.35
N PRO A 156 -34.37 1.46 2.47
CA PRO A 156 -35.77 1.05 2.68
C PRO A 156 -35.89 -0.08 3.69
N SER A 157 -36.95 -0.09 4.50
CA SER A 157 -37.11 -1.13 5.51
C SER A 157 -37.01 -2.51 4.90
N GLY A 158 -36.22 -3.38 5.53
CA GLY A 158 -36.11 -4.76 5.09
C GLY A 158 -35.21 -5.01 3.90
N SER A 159 -34.56 -3.98 3.36
CA SER A 159 -33.64 -4.22 2.25
C SER A 159 -32.37 -4.92 2.74
N GLN A 160 -31.65 -5.53 1.81
CA GLN A 160 -30.44 -6.29 2.10
C GLN A 160 -29.18 -5.47 1.88
N VAL A 161 -28.08 -5.94 2.43
CA VAL A 161 -26.79 -5.33 2.14
C VAL A 161 -26.48 -5.52 0.66
N ASP A 162 -26.05 -4.46 -0.02
CA ASP A 162 -25.75 -4.50 -1.45
C ASP A 162 -24.54 -3.60 -1.71
N LEU A 163 -23.35 -4.18 -1.59
CA LEU A 163 -22.11 -3.43 -1.71
C LEU A 163 -21.70 -3.14 -3.15
N TRP A 164 -22.52 -3.51 -4.14
CA TRP A 164 -22.28 -3.05 -5.49
C TRP A 164 -22.66 -1.58 -5.70
N LYS A 165 -23.32 -0.97 -4.72
CA LYS A 165 -23.78 0.41 -4.82
C LYS A 165 -22.79 1.37 -4.18
N ILE A 166 -22.98 2.66 -4.48
CA ILE A 166 -22.32 3.76 -3.79
C ILE A 166 -23.40 4.55 -3.05
N PRO A 167 -23.06 5.32 -2.01
CA PRO A 167 -24.10 6.09 -1.32
C PRO A 167 -24.56 7.30 -2.12
N ASN A 168 -25.64 7.91 -1.64
CA ASN A 168 -26.16 9.16 -2.19
C ASN A 168 -25.39 10.30 -1.53
N TYR A 169 -24.39 10.83 -2.23
CA TYR A 169 -23.57 11.90 -1.65
C TYR A 169 -24.31 13.23 -1.60
N GLY A 170 -25.31 13.42 -2.45
CA GLY A 170 -26.08 14.66 -2.52
C GLY A 170 -27.36 14.61 -1.70
N SER A 171 -28.30 15.50 -2.03
CA SER A 171 -29.57 15.47 -1.32
C SER A 171 -30.66 16.03 -2.23
N SER A 172 -31.85 16.27 -1.64
CA SER A 172 -32.92 17.00 -2.32
C SER A 172 -32.49 18.41 -2.68
N ILE A 173 -31.51 18.98 -1.95
CA ILE A 173 -31.05 20.32 -2.27
C ILE A 173 -30.36 20.35 -3.62
N THR A 174 -29.39 19.46 -3.81
CA THR A 174 -28.59 19.43 -5.03
C THR A 174 -27.99 18.03 -5.18
N GLU A 175 -27.85 17.60 -6.42
CA GLU A 175 -27.14 16.36 -6.68
C GLU A 175 -25.64 16.58 -6.52
N ALA A 176 -24.93 15.53 -6.10
CA ALA A 176 -23.48 15.62 -6.02
C ALA A 176 -22.89 15.72 -7.43
N THR A 177 -21.75 16.41 -7.53
CA THR A 177 -21.08 16.63 -8.81
C THR A 177 -19.68 16.05 -8.77
N HIS A 178 -19.11 15.90 -9.98
CA HIS A 178 -17.72 15.46 -10.16
C HIS A 178 -17.45 14.10 -9.52
N LEU A 179 -18.38 13.17 -9.69
CA LEU A 179 -18.12 11.80 -9.30
C LEU A 179 -17.19 11.15 -10.32
N ALA A 180 -16.44 10.16 -9.88
CA ALA A 180 -15.76 9.29 -10.82
C ALA A 180 -16.81 8.60 -11.69
N PRO A 181 -16.60 8.52 -13.00
CA PRO A 181 -17.63 7.94 -13.89
C PRO A 181 -17.78 6.43 -13.71
N SER A 182 -18.88 5.91 -14.25
CA SER A 182 -19.13 4.47 -14.24
C SER A 182 -18.12 3.71 -15.11
N VAL A 183 -17.88 2.45 -14.76
CA VAL A 183 -17.08 1.54 -15.58
C VAL A 183 -17.93 0.35 -15.99
N TYR A 184 -17.72 -0.11 -17.22
CA TYR A 184 -18.46 -1.21 -17.81
C TYR A 184 -17.48 -2.08 -18.58
N PRO A 185 -17.78 -3.36 -18.79
CA PRO A 185 -16.90 -4.21 -19.60
C PRO A 185 -17.02 -3.92 -21.09
N PRO A 186 -15.94 -3.54 -21.77
CA PRO A 186 -16.07 -3.16 -23.18
C PRO A 186 -16.09 -4.31 -24.19
N GLY A 187 -15.44 -5.44 -23.87
CA GLY A 187 -15.21 -6.46 -24.89
C GLY A 187 -16.31 -7.52 -24.98
N PHE A 188 -16.17 -8.39 -25.99
CA PHE A 188 -17.19 -9.40 -26.25
C PHE A 188 -17.20 -10.48 -25.18
N GLY A 189 -18.37 -10.71 -24.59
CA GLY A 189 -18.53 -11.69 -23.53
C GLY A 189 -17.86 -11.34 -22.22
N GLU A 190 -17.34 -10.13 -22.07
CA GLU A 190 -16.61 -9.77 -20.86
C GLU A 190 -17.51 -9.34 -19.71
N VAL A 191 -17.03 -9.56 -18.49
CA VAL A 191 -17.64 -9.06 -17.26
C VAL A 191 -16.52 -8.42 -16.44
N LEU A 192 -16.91 -7.46 -15.59
CA LEU A 192 -15.95 -6.84 -14.68
C LEU A 192 -15.45 -7.86 -13.67
N VAL A 193 -14.18 -7.71 -13.29
CA VAL A 193 -13.52 -8.55 -12.29
C VAL A 193 -13.31 -7.72 -11.04
N PHE A 194 -13.57 -8.32 -9.88
CA PHE A 194 -13.47 -7.62 -8.60
C PHE A 194 -12.58 -8.37 -7.62
N PHE A 195 -11.93 -7.62 -6.74
CA PHE A 195 -11.14 -8.16 -5.67
C PHE A 195 -11.97 -8.04 -4.39
N MET A 196 -12.22 -9.18 -3.73
CA MET A 196 -13.22 -9.26 -2.67
C MET A 196 -12.55 -9.36 -1.29
N SER A 197 -13.21 -8.81 -0.29
CA SER A 197 -12.79 -8.91 1.11
C SER A 197 -13.98 -9.23 1.99
N LYS A 198 -13.76 -10.02 3.03
CA LYS A 198 -14.78 -10.27 4.04
C LYS A 198 -14.93 -9.04 4.93
N MET A 199 -16.15 -8.54 5.08
CA MET A 199 -16.45 -7.36 5.90
C MET A 199 -17.21 -7.76 7.14
N PRO A 200 -16.76 -7.36 8.33
CA PRO A 200 -17.48 -7.71 9.56
C PRO A 200 -18.89 -7.12 9.61
N GLY A 201 -19.76 -7.80 10.35
CA GLY A 201 -21.15 -7.42 10.48
C GLY A 201 -22.02 -8.67 10.46
N PRO A 202 -23.34 -8.50 10.66
CA PRO A 202 -24.25 -9.62 10.90
C PRO A 202 -24.70 -10.37 9.64
N GLY A 203 -23.75 -10.68 8.77
CA GLY A 203 -24.05 -11.46 7.59
C GLY A 203 -22.74 -11.85 6.93
N ALA A 204 -22.85 -12.54 5.79
CA ALA A 204 -21.66 -13.01 5.08
C ALA A 204 -21.28 -11.99 4.00
N TYR A 205 -20.77 -10.85 4.46
CA TYR A 205 -20.59 -9.71 3.57
C TYR A 205 -19.28 -9.82 2.83
N ASN A 206 -19.31 -9.59 1.52
CA ASN A 206 -18.12 -9.59 0.67
C ASN A 206 -18.05 -8.26 -0.05
N LEU A 207 -17.00 -7.51 0.19
CA LEU A 207 -16.85 -6.17 -0.36
C LEU A 207 -16.04 -6.22 -1.64
N PRO A 208 -16.59 -5.85 -2.79
CA PRO A 208 -15.82 -5.85 -4.04
C PRO A 208 -15.13 -4.52 -4.28
N CYS A 209 -13.95 -4.57 -4.91
CA CYS A 209 -13.29 -3.37 -5.39
C CYS A 209 -12.63 -3.67 -6.72
N LEU A 210 -12.29 -2.60 -7.45
CA LEU A 210 -11.80 -2.76 -8.82
C LEU A 210 -10.29 -3.04 -8.85
N LEU A 211 -9.55 -2.57 -7.85
CA LEU A 211 -8.08 -2.72 -7.82
C LEU A 211 -7.65 -2.82 -6.38
N PRO A 212 -6.69 -3.69 -6.06
CA PRO A 212 -6.11 -3.69 -4.71
C PRO A 212 -5.45 -2.35 -4.46
N GLN A 213 -5.45 -1.92 -3.20
CA GLN A 213 -4.86 -0.63 -2.88
C GLN A 213 -3.39 -0.58 -3.26
N GLU A 214 -2.67 -1.70 -3.15
CA GLU A 214 -1.25 -1.67 -3.46
C GLU A 214 -1.00 -1.52 -4.96
N TYR A 215 -1.93 -1.97 -5.81
CA TYR A 215 -1.85 -1.64 -7.23
C TYR A 215 -1.94 -0.12 -7.45
N ILE A 216 -2.81 0.54 -6.69
CA ILE A 216 -3.02 1.97 -6.85
C ILE A 216 -1.75 2.74 -6.50
N SER A 217 -1.15 2.46 -5.35
CA SER A 217 0.06 3.21 -5.04
C SER A 217 1.19 2.83 -6.01
N HIS A 218 1.20 1.61 -6.55
CA HIS A 218 2.18 1.26 -7.57
C HIS A 218 1.98 2.12 -8.82
N LEU A 219 0.74 2.18 -9.33
CA LEU A 219 0.46 2.92 -10.55
C LEU A 219 0.69 4.41 -10.36
N ALA A 220 0.28 4.94 -9.21
CA ALA A 220 0.44 6.37 -8.95
C ALA A 220 1.90 6.76 -8.93
N SER A 221 2.77 5.84 -8.52
CA SER A 221 4.21 6.07 -8.50
C SER A 221 4.83 5.86 -9.88
N GLU A 222 4.53 4.74 -10.52
CA GLU A 222 5.17 4.39 -11.80
C GLU A 222 4.76 5.32 -12.91
N GLN A 223 3.47 5.60 -13.03
CA GLN A 223 2.95 6.50 -14.07
C GLN A 223 3.42 6.09 -15.46
N ALA A 224 3.29 4.80 -15.75
CA ALA A 224 3.70 4.31 -17.05
C ALA A 224 2.73 4.81 -18.12
N PRO A 225 3.20 5.39 -19.21
CA PRO A 225 2.28 5.82 -20.28
C PRO A 225 1.43 4.67 -20.77
N THR A 226 0.15 4.95 -20.97
CA THR A 226 -0.82 3.95 -21.46
C THR A 226 -0.73 4.00 -22.98
N VAL A 227 0.10 3.14 -23.56
CA VAL A 227 0.37 3.26 -24.98
C VAL A 227 -0.51 2.36 -25.82
N GLY A 228 -1.43 1.61 -25.20
CA GLY A 228 -2.33 0.73 -25.92
C GLY A 228 -3.74 0.85 -25.40
N GLU A 229 -4.64 0.11 -26.05
CA GLU A 229 -6.07 0.18 -25.73
C GLU A 229 -6.43 -0.66 -24.51
N ALA A 230 -5.71 -1.75 -24.27
CA ALA A 230 -5.98 -2.61 -23.13
C ALA A 230 -4.71 -3.39 -22.82
N ALA A 231 -4.49 -3.70 -21.55
CA ALA A 231 -3.30 -4.42 -21.12
C ALA A 231 -3.69 -5.88 -20.92
N LEU A 232 -3.13 -6.75 -21.77
CA LEU A 232 -3.34 -8.18 -21.60
C LEU A 232 -2.55 -8.68 -20.41
N LEU A 233 -3.21 -9.39 -19.50
CA LEU A 233 -2.59 -9.92 -18.28
C LEU A 233 -2.77 -11.42 -18.19
N HIS A 234 -1.81 -12.08 -17.55
CA HIS A 234 -1.95 -13.46 -17.10
C HIS A 234 -2.07 -13.49 -15.59
N TYR A 235 -2.98 -14.32 -15.09
CA TYR A 235 -3.00 -14.65 -13.67
C TYR A 235 -2.18 -15.93 -13.50
N VAL A 236 -1.02 -15.81 -12.84
CA VAL A 236 0.02 -16.83 -12.85
C VAL A 236 0.03 -17.55 -11.51
N ASP A 237 0.07 -18.89 -11.55
CA ASP A 237 0.20 -19.68 -10.33
C ASP A 237 1.66 -19.72 -9.89
N PRO A 238 2.00 -19.27 -8.68
CA PRO A 238 3.42 -19.25 -8.30
C PRO A 238 4.02 -20.61 -8.07
N ASP A 239 3.21 -21.65 -7.86
CA ASP A 239 3.78 -22.97 -7.65
C ASP A 239 4.31 -23.54 -8.96
N THR A 240 3.47 -23.56 -9.99
CA THR A 240 3.81 -24.19 -11.25
C THR A 240 4.27 -23.22 -12.33
N GLY A 241 3.98 -21.92 -12.17
CA GLY A 241 4.22 -20.98 -13.23
C GLY A 241 3.17 -20.98 -14.32
N ARG A 242 2.13 -21.79 -14.19
CA ARG A 242 1.11 -21.88 -15.23
C ARG A 242 0.25 -20.62 -15.28
N ASN A 243 -0.19 -20.28 -16.49
CA ASN A 243 -1.17 -19.21 -16.69
C ASN A 243 -2.54 -19.78 -16.36
N LEU A 244 -3.16 -19.27 -15.30
CA LEU A 244 -4.49 -19.72 -14.88
C LEU A 244 -5.61 -19.04 -15.65
N GLY A 245 -5.30 -17.99 -16.40
CA GLY A 245 -6.34 -17.33 -17.17
C GLY A 245 -5.87 -15.99 -17.68
N GLU A 246 -6.36 -15.55 -18.84
CA GLU A 246 -6.00 -14.23 -19.35
C GLU A 246 -7.12 -13.24 -19.05
N PHE A 247 -6.70 -12.01 -18.78
CA PHE A 247 -7.55 -10.91 -18.37
C PHE A 247 -7.11 -9.68 -19.16
N LYS A 248 -8.00 -8.68 -19.27
CA LYS A 248 -7.60 -7.38 -19.81
C LYS A 248 -7.78 -6.29 -18.73
N ALA A 249 -6.77 -5.45 -18.59
CA ALA A 249 -6.91 -4.22 -17.80
C ALA A 249 -7.09 -3.05 -18.75
N TYR A 250 -8.10 -2.22 -18.48
CA TYR A 250 -8.40 -1.10 -19.35
C TYR A 250 -7.85 0.20 -18.79
N PRO A 251 -7.58 1.19 -19.64
CA PRO A 251 -6.95 2.44 -19.17
C PRO A 251 -7.64 3.12 -18.00
N ASP A 252 -8.98 3.07 -17.90
CA ASP A 252 -9.68 3.71 -16.79
C ASP A 252 -9.41 3.05 -15.44
N GLY A 253 -8.80 1.86 -15.42
CA GLY A 253 -8.31 1.26 -14.19
C GLY A 253 -9.16 0.11 -13.66
N PHE A 254 -9.51 -0.82 -14.54
CA PHE A 254 -10.29 -1.98 -14.11
C PHE A 254 -9.95 -3.17 -15.00
N LEU A 255 -10.30 -4.35 -14.50
CA LEU A 255 -10.03 -5.60 -15.19
C LEU A 255 -11.33 -6.26 -15.62
N THR A 256 -11.25 -7.04 -16.70
CA THR A 256 -12.35 -7.88 -17.16
C THR A 256 -11.82 -9.27 -17.49
N CYS A 257 -12.75 -10.20 -17.61
CA CYS A 257 -12.45 -11.52 -18.15
C CYS A 257 -13.72 -12.03 -18.83
N VAL A 258 -13.57 -13.11 -19.58
CA VAL A 258 -14.70 -13.90 -20.06
C VAL A 258 -14.85 -15.07 -19.09
N PRO A 259 -15.92 -15.13 -18.29
CA PRO A 259 -15.91 -16.06 -17.14
C PRO A 259 -16.00 -17.52 -17.52
N ASN A 260 -16.86 -17.85 -18.46
CA ASN A 260 -17.35 -19.22 -18.64
C ASN A 260 -18.03 -19.74 -17.36
N GLY A 261 -18.59 -18.84 -16.54
CA GLY A 261 -19.37 -19.26 -15.38
C GLY A 261 -19.04 -18.65 -14.03
N ALA A 262 -20.09 -18.37 -13.24
CA ALA A 262 -19.88 -18.00 -11.84
C ALA A 262 -19.51 -19.21 -10.99
N SER A 263 -19.99 -20.39 -11.37
CA SER A 263 -19.66 -21.62 -10.65
C SER A 263 -18.37 -22.28 -11.16
N SER A 264 -17.88 -21.87 -12.33
CA SER A 264 -16.60 -22.35 -12.86
C SER A 264 -16.00 -21.21 -13.66
N GLY A 265 -15.10 -20.45 -13.03
CA GLY A 265 -14.52 -19.29 -13.67
C GLY A 265 -13.56 -18.58 -12.74
N PRO A 266 -13.48 -17.26 -12.86
CA PRO A 266 -12.51 -16.51 -12.04
C PRO A 266 -12.74 -16.63 -10.54
N GLN A 267 -13.99 -16.83 -10.11
CA GLN A 267 -14.26 -16.90 -8.67
C GLN A 267 -13.65 -18.14 -8.02
N GLN A 268 -13.38 -19.19 -8.79
CA GLN A 268 -12.75 -20.38 -8.25
C GLN A 268 -11.24 -20.32 -8.36
N LEU A 269 -10.68 -19.23 -8.88
CA LEU A 269 -9.25 -19.11 -8.95
C LEU A 269 -8.68 -18.99 -7.54
N PRO A 270 -7.52 -19.58 -7.28
CA PRO A 270 -6.89 -19.40 -5.97
C PRO A 270 -6.41 -17.97 -5.84
N ILE A 271 -6.29 -17.52 -4.59
CA ILE A 271 -5.95 -16.13 -4.34
C ILE A 271 -4.45 -15.92 -4.13
N ASN A 272 -3.65 -16.99 -4.27
CA ASN A 272 -2.21 -16.91 -4.06
C ASN A 272 -1.45 -16.58 -5.34
N GLY A 273 -2.14 -16.22 -6.42
CA GLY A 273 -1.51 -15.96 -7.69
C GLY A 273 -1.11 -14.50 -7.86
N VAL A 274 -0.46 -14.21 -8.99
CA VAL A 274 0.03 -12.88 -9.31
C VAL A 274 -0.43 -12.50 -10.72
N PHE A 275 -0.90 -11.26 -10.88
CA PHE A 275 -1.20 -10.71 -12.20
C PHE A 275 0.07 -10.17 -12.83
N VAL A 276 0.33 -10.59 -14.07
CA VAL A 276 1.54 -10.21 -14.79
C VAL A 276 1.14 -9.60 -16.13
N PHE A 277 1.69 -8.43 -16.44
CA PHE A 277 1.49 -7.81 -17.74
C PHE A 277 2.16 -8.61 -18.85
N VAL A 278 1.42 -8.81 -19.94
CA VAL A 278 1.92 -9.52 -21.13
C VAL A 278 2.23 -8.56 -22.27
N SER A 279 1.24 -7.81 -22.73
CA SER A 279 1.44 -6.91 -23.88
C SER A 279 0.20 -6.03 -24.01
N TRP A 280 0.33 -4.96 -24.80
CA TRP A 280 -0.81 -4.11 -25.13
C TRP A 280 -1.57 -4.71 -26.31
N VAL A 281 -2.90 -4.77 -26.18
CA VAL A 281 -3.74 -5.40 -27.19
C VAL A 281 -4.92 -4.48 -27.48
N SER A 282 -5.68 -4.86 -28.50
CA SER A 282 -6.87 -4.13 -28.88
C SER A 282 -7.90 -4.12 -27.75
N ARG A 283 -8.70 -3.04 -27.73
CA ARG A 283 -9.85 -2.99 -26.84
C ARG A 283 -10.80 -4.17 -27.09
N PHE A 284 -10.77 -4.74 -28.28
CA PHE A 284 -11.68 -5.83 -28.61
C PHE A 284 -10.98 -7.18 -28.75
N TYR A 285 -9.78 -7.32 -28.18
CA TYR A 285 -9.13 -8.63 -28.10
C TYR A 285 -10.09 -9.62 -27.44
N GLN A 286 -10.24 -10.81 -28.04
CA GLN A 286 -11.20 -11.81 -27.59
CA GLN A 286 -11.20 -11.81 -27.60
C GLN A 286 -10.53 -12.75 -26.59
N LEU A 287 -10.88 -12.59 -25.32
CA LEU A 287 -10.28 -13.40 -24.26
C LEU A 287 -10.82 -14.82 -24.29
N LYS A 288 -9.92 -15.78 -24.01
CA LYS A 288 -10.31 -17.16 -23.77
C LYS A 288 -11.03 -17.27 -22.43
N PRO A 289 -12.13 -18.03 -22.34
CA PRO A 289 -12.85 -18.13 -21.07
C PRO A 289 -11.96 -18.67 -19.96
N VAL A 290 -12.09 -18.08 -18.76
CA VAL A 290 -11.23 -18.49 -17.65
C VAL A 290 -11.52 -19.94 -17.26
N GLY A 291 -12.79 -20.27 -17.02
CA GLY A 291 -13.15 -21.59 -16.53
C GLY A 291 -14.09 -22.41 -17.41
N THR B 2 20.82 -6.43 -11.71
CA THR B 2 20.23 -5.89 -12.93
C THR B 2 19.18 -4.83 -12.59
N ARG B 3 18.13 -5.25 -11.88
CA ARG B 3 17.05 -4.35 -11.49
C ARG B 3 17.57 -3.18 -10.65
N PRO B 4 17.43 -1.95 -11.11
CA PRO B 4 17.95 -0.81 -10.34
C PRO B 4 17.13 -0.56 -9.08
N PHE B 5 17.82 -0.13 -8.04
CA PHE B 5 17.13 0.25 -6.80
C PHE B 5 16.36 1.55 -6.99
N THR B 6 15.11 1.58 -6.49
CA THR B 6 14.30 2.78 -6.51
C THR B 6 13.43 2.84 -5.25
N LEU B 7 12.96 4.03 -4.93
CA LEU B 7 11.93 4.26 -3.92
C LEU B 7 10.69 4.84 -4.60
N PRO B 8 9.52 4.70 -3.99
CA PRO B 8 8.29 5.18 -4.66
C PRO B 8 8.36 6.66 -5.03
N ASN B 9 7.81 6.99 -6.20
CA ASN B 9 7.76 8.37 -6.70
C ASN B 9 6.46 9.01 -6.17
N LEU B 10 6.43 9.21 -4.86
CA LEU B 10 5.26 9.66 -4.12
C LEU B 10 5.70 10.56 -2.96
N PRO B 11 4.93 11.58 -2.63
CA PRO B 11 5.31 12.44 -1.51
C PRO B 11 5.03 11.76 -0.17
N LEU B 12 5.90 12.05 0.80
CA LEU B 12 5.82 11.38 2.10
CA LEU B 12 5.82 11.37 2.09
C LEU B 12 4.47 11.58 2.77
N SER B 13 3.90 12.78 2.66
CA SER B 13 2.64 13.10 3.31
C SER B 13 1.47 12.27 2.79
N SER B 14 1.63 11.60 1.65
CA SER B 14 0.56 10.73 1.15
C SER B 14 0.69 9.30 1.65
N LEU B 15 1.73 8.96 2.42
CA LEU B 15 2.01 7.58 2.79
C LEU B 15 1.60 7.29 4.23
N SER B 16 1.76 6.04 4.64
CA SER B 16 1.27 5.54 5.91
C SER B 16 2.42 5.10 6.81
N ASN B 17 2.20 5.22 8.13
CA ASN B 17 3.02 4.54 9.13
C ASN B 17 2.98 3.02 8.89
N SER B 18 4.04 2.33 9.32
CA SER B 18 4.10 0.87 9.22
C SER B 18 3.87 0.16 10.55
N ARG B 19 3.68 0.90 11.65
CA ARG B 19 3.33 0.29 12.92
C ARG B 19 1.87 0.49 13.30
N ALA B 20 1.13 1.29 12.55
CA ALA B 20 -0.31 1.42 12.70
C ALA B 20 -0.86 2.05 11.44
N PRO B 21 -2.15 1.82 11.12
CA PRO B 21 -2.71 2.40 9.87
C PRO B 21 -3.02 3.89 10.00
N LEU B 22 -1.98 4.71 10.04
CA LEU B 22 -2.08 6.14 10.28
C LEU B 22 -1.30 6.92 9.23
N PRO B 23 -1.80 8.06 8.76
CA PRO B 23 -1.00 8.90 7.88
C PRO B 23 0.28 9.39 8.55
N ILE B 24 1.31 9.58 7.73
CA ILE B 24 2.56 10.18 8.19
C ILE B 24 2.37 11.68 8.33
N SER B 25 2.76 12.24 9.47
CA SER B 25 2.60 13.66 9.71
C SER B 25 3.89 14.43 9.90
N SER B 26 5.02 13.76 10.16
CA SER B 26 6.29 14.46 10.31
C SER B 26 7.43 13.45 10.20
N ILE B 27 8.64 14.00 10.07
CA ILE B 27 9.88 13.24 10.22
C ILE B 27 10.43 13.54 11.61
N GLY B 28 10.95 12.52 12.29
CA GLY B 28 11.46 12.71 13.64
C GLY B 28 12.79 12.01 13.84
N ILE B 29 13.44 12.35 14.94
CA ILE B 29 14.59 11.61 15.44
C ILE B 29 14.29 11.23 16.89
N SER B 30 15.03 10.24 17.38
CA SER B 30 14.76 9.75 18.72
C SER B 30 15.39 10.66 19.79
N PRO B 31 14.88 10.61 21.01
CA PRO B 31 15.53 11.31 22.13
C PRO B 31 16.87 10.68 22.46
N ASP B 32 17.68 11.41 23.22
CA ASP B 32 19.03 10.93 23.52
C ASP B 32 19.03 9.71 24.44
N ASN B 33 17.96 9.48 25.20
CA ASN B 33 17.90 8.30 26.07
C ASN B 33 17.53 7.03 25.32
N VAL B 34 17.30 7.10 24.01
CA VAL B 34 16.96 5.95 23.16
C VAL B 34 18.21 5.57 22.39
N GLN B 35 18.82 4.43 22.76
CA GLN B 35 20.07 4.03 22.15
C GLN B 35 19.89 3.01 21.04
N SER B 36 18.75 2.33 20.97
CA SER B 36 18.48 1.44 19.86
C SER B 36 16.97 1.30 19.74
N VAL B 37 16.51 0.76 18.62
CA VAL B 37 15.11 0.41 18.49
C VAL B 37 15.03 -1.00 17.95
N GLN B 38 13.92 -1.67 18.23
CA GLN B 38 13.76 -3.05 17.82
C GLN B 38 12.33 -3.30 17.37
N PHE B 39 11.79 -2.37 16.59
CA PHE B 39 10.43 -2.50 16.09
C PHE B 39 10.31 -3.83 15.34
N GLN B 40 9.15 -4.47 15.50
CA GLN B 40 8.91 -5.73 14.80
C GLN B 40 8.06 -5.55 13.56
N ASN B 41 7.30 -4.46 13.49
CA ASN B 41 6.61 -4.10 12.26
C ASN B 41 7.39 -3.00 11.54
N GLY B 42 7.13 -2.86 10.24
CA GLY B 42 7.86 -1.86 9.49
C GLY B 42 9.31 -2.21 9.28
N ARG B 43 9.63 -3.50 9.13
CA ARG B 43 11.00 -3.99 8.98
C ARG B 43 11.10 -4.71 7.63
N CYS B 44 11.87 -4.13 6.71
CA CYS B 44 12.02 -4.68 5.36
C CYS B 44 13.41 -4.32 4.87
N THR B 45 14.15 -5.29 4.32
CA THR B 45 15.46 -4.97 3.75
C THR B 45 15.28 -4.22 2.44
N LEU B 46 16.40 -3.63 1.96
CA LEU B 46 16.32 -2.89 0.70
C LEU B 46 16.11 -3.81 -0.51
N ASP B 47 16.42 -5.11 -0.40
CA ASP B 47 16.08 -6.05 -1.47
C ASP B 47 14.76 -6.77 -1.23
N GLY B 48 13.94 -6.30 -0.28
CA GLY B 48 12.55 -6.69 -0.21
C GLY B 48 12.24 -7.83 0.73
N ARG B 49 13.13 -8.16 1.66
CA ARG B 49 12.91 -9.27 2.59
C ARG B 49 12.25 -8.72 3.85
N LEU B 50 11.07 -9.25 4.19
CA LEU B 50 10.32 -8.83 5.37
C LEU B 50 10.87 -9.49 6.63
N VAL B 51 10.96 -8.70 7.70
CA VAL B 51 11.56 -9.12 8.97
C VAL B 51 10.55 -8.96 10.09
N GLY B 52 10.76 -9.72 11.17
CA GLY B 52 9.87 -9.58 12.31
C GLY B 52 8.44 -10.02 11.97
N THR B 53 7.46 -9.22 12.38
CA THR B 53 6.06 -9.52 12.09
C THR B 53 5.52 -8.72 10.91
N THR B 54 6.41 -8.05 10.16
CA THR B 54 6.02 -7.07 9.14
C THR B 54 5.22 -7.73 8.02
N PRO B 55 4.05 -7.19 7.67
CA PRO B 55 3.33 -7.68 6.49
C PRO B 55 3.64 -6.84 5.25
N VAL B 56 3.22 -7.37 4.09
CA VAL B 56 3.31 -6.64 2.84
C VAL B 56 2.38 -5.42 2.85
N SER B 57 1.20 -5.57 3.42
CA SER B 57 0.08 -4.65 3.25
C SER B 57 -0.34 -4.00 4.56
N LEU B 58 -0.73 -2.72 4.48
CA LEU B 58 -1.26 -2.03 5.64
C LEU B 58 -2.52 -2.69 6.18
N SER B 59 -3.24 -3.44 5.35
CA SER B 59 -4.45 -4.09 5.86
C SER B 59 -4.16 -5.15 6.92
N HIS B 60 -2.90 -5.50 7.16
CA HIS B 60 -2.55 -6.42 8.24
C HIS B 60 -1.89 -5.73 9.43
N VAL B 61 -1.65 -4.43 9.35
CA VAL B 61 -0.79 -3.76 10.34
C VAL B 61 -1.56 -3.44 11.61
N ALA B 62 -0.97 -3.82 12.76
CA ALA B 62 -1.53 -3.55 14.10
C ALA B 62 -2.90 -4.18 14.27
N LYS B 63 -3.04 -5.42 13.80
CA LYS B 63 -4.29 -6.16 13.93
C LYS B 63 -4.05 -7.46 14.68
N ILE B 64 -5.12 -8.02 15.24
CA ILE B 64 -5.07 -9.34 15.86
C ILE B 64 -6.23 -10.15 15.36
N ARG B 65 -6.10 -11.46 15.47
CA ARG B 65 -7.19 -12.38 15.13
C ARG B 65 -7.10 -13.56 16.08
N GLY B 66 -8.25 -13.98 16.63
CA GLY B 66 -8.22 -15.18 17.43
C GLY B 66 -9.56 -15.48 18.07
N THR B 67 -9.58 -16.57 18.84
CA THR B 67 -10.77 -17.04 19.52
C THR B 67 -10.58 -16.86 21.01
N SER B 68 -11.50 -16.13 21.63
CA SER B 68 -11.54 -15.98 23.07
C SER B 68 -12.33 -17.13 23.67
N ASN B 69 -11.85 -17.64 24.81
CA ASN B 69 -12.65 -18.52 25.63
C ASN B 69 -13.08 -17.84 26.92
N GLY B 70 -12.95 -16.53 26.98
CA GLY B 70 -13.28 -15.78 28.17
C GLY B 70 -12.12 -15.60 29.13
N THR B 71 -11.09 -16.44 29.00
CA THR B 71 -9.89 -16.36 29.82
C THR B 71 -8.69 -15.90 29.02
N VAL B 72 -8.44 -16.51 27.86
CA VAL B 72 -7.39 -16.09 26.95
C VAL B 72 -8.00 -15.92 25.57
N ILE B 73 -7.27 -15.18 24.74
CA ILE B 73 -7.47 -15.18 23.29
C ILE B 73 -6.38 -16.06 22.69
N ASN B 74 -6.78 -17.13 22.01
CA ASN B 74 -5.84 -17.97 21.29
C ASN B 74 -5.64 -17.37 19.90
N LEU B 75 -4.46 -16.83 19.66
CA LEU B 75 -4.22 -16.02 18.47
C LEU B 75 -3.98 -16.90 17.26
N THR B 76 -4.42 -16.41 16.10
CA THR B 76 -4.12 -17.01 14.80
C THR B 76 -3.51 -15.94 13.91
N GLU B 77 -3.10 -16.35 12.71
CA GLU B 77 -2.83 -15.33 11.71
C GLU B 77 -4.15 -14.66 11.33
N LEU B 78 -4.05 -13.51 10.65
CA LEU B 78 -5.25 -12.73 10.38
C LEU B 78 -6.27 -13.50 9.56
N ASP B 79 -5.83 -14.40 8.68
CA ASP B 79 -6.76 -15.18 7.88
C ASP B 79 -7.23 -16.45 8.58
N GLY B 80 -6.86 -16.67 9.85
CA GLY B 80 -7.28 -17.83 10.60
C GLY B 80 -6.26 -18.93 10.68
N THR B 81 -5.16 -18.84 9.93
CA THR B 81 -4.15 -19.89 9.91
C THR B 81 -3.56 -20.05 11.33
N PRO B 82 -3.30 -21.29 11.76
CA PRO B 82 -2.73 -21.49 13.10
C PRO B 82 -1.41 -20.75 13.27
N PHE B 83 -1.19 -20.24 14.47
CA PHE B 83 0.08 -19.64 14.86
C PHE B 83 0.68 -20.52 15.95
N HIS B 84 1.85 -21.10 15.68
CA HIS B 84 2.45 -22.08 16.59
C HIS B 84 3.41 -21.41 17.58
N PRO B 85 3.47 -21.90 18.81
CA PRO B 85 4.32 -21.27 19.82
C PRO B 85 5.79 -21.57 19.56
N PHE B 86 6.65 -20.81 20.24
CA PHE B 86 8.10 -21.01 20.25
C PHE B 86 8.75 -20.79 18.88
N GLU B 87 8.14 -20.02 17.99
CA GLU B 87 8.71 -19.82 16.67
C GLU B 87 9.04 -18.37 16.38
N GLY B 88 8.12 -17.45 16.65
CA GLY B 88 8.34 -16.03 16.44
C GLY B 88 7.72 -15.21 17.54
N PRO B 89 7.84 -13.89 17.45
CA PRO B 89 7.30 -13.03 18.54
C PRO B 89 5.79 -13.07 18.61
N ALA B 90 5.10 -13.17 17.47
CA ALA B 90 3.66 -12.99 17.40
C ALA B 90 3.22 -13.24 15.98
N PRO B 91 1.91 -13.34 15.69
CA PRO B 91 1.48 -13.46 14.30
C PRO B 91 1.84 -12.22 13.49
N ILE B 92 1.86 -12.41 12.17
CA ILE B 92 2.12 -11.31 11.25
C ILE B 92 1.17 -10.16 11.54
N GLY B 93 1.72 -8.93 11.61
CA GLY B 93 0.93 -7.74 11.80
C GLY B 93 0.58 -7.40 13.24
N PHE B 94 0.87 -8.30 14.17
CA PHE B 94 0.53 -8.09 15.58
C PHE B 94 1.13 -6.76 16.06
N PRO B 95 0.40 -5.97 16.84
CA PRO B 95 0.91 -4.65 17.23
C PRO B 95 2.22 -4.77 17.97
N ASP B 96 3.12 -3.81 17.73
CA ASP B 96 4.45 -3.83 18.34
C ASP B 96 4.71 -2.55 19.13
N LEU B 97 3.65 -1.87 19.59
CA LEU B 97 3.82 -0.64 20.38
C LEU B 97 4.05 -1.02 21.83
N GLY B 98 5.29 -0.91 22.28
CA GLY B 98 5.58 -1.04 23.69
C GLY B 98 5.23 0.23 24.42
N GLY B 99 5.44 0.21 25.73
CA GLY B 99 5.30 1.42 26.53
C GLY B 99 3.92 2.05 26.51
N CYS B 100 2.86 1.24 26.46
CA CYS B 100 1.50 1.79 26.48
C CYS B 100 0.53 0.64 26.69
N ASP B 101 -0.70 0.98 27.09
CA ASP B 101 -1.83 0.07 26.98
C ASP B 101 -2.47 0.23 25.61
N TRP B 102 -2.94 -0.87 25.05
CA TRP B 102 -3.62 -0.86 23.78
C TRP B 102 -5.12 -0.89 23.99
N HIS B 103 -5.84 -0.26 23.06
CA HIS B 103 -7.28 -0.39 23.01
C HIS B 103 -7.63 -0.78 21.58
N ILE B 104 -8.04 -2.02 21.43
CA ILE B 104 -8.21 -2.66 20.14
C ILE B 104 -9.70 -2.79 19.86
N ASN B 105 -10.12 -2.35 18.68
CA ASN B 105 -11.52 -2.44 18.30
C ASN B 105 -11.80 -3.83 17.73
N MET B 106 -12.63 -4.60 18.41
CA MET B 106 -12.89 -5.99 18.07
C MET B 106 -14.24 -6.12 17.36
N THR B 107 -14.23 -6.72 16.16
CA THR B 107 -15.46 -7.01 15.41
C THR B 107 -15.48 -8.49 15.04
N GLN B 108 -16.58 -8.92 14.41
CA GLN B 108 -16.78 -10.34 14.13
C GLN B 108 -17.38 -10.55 12.75
N PHE B 109 -16.95 -11.62 12.08
CA PHE B 109 -17.61 -12.02 10.84
C PHE B 109 -18.90 -12.75 11.17
N GLY B 110 -20.04 -12.19 10.74
CA GLY B 110 -21.31 -12.84 10.96
C GLY B 110 -22.07 -12.37 12.18
N HIS B 111 -21.57 -11.39 12.92
CA HIS B 111 -22.27 -10.87 14.09
C HIS B 111 -22.23 -9.34 14.07
N SER B 112 -23.23 -8.71 14.68
CA SER B 112 -23.19 -7.27 14.87
C SER B 112 -22.19 -6.88 15.95
N SER B 113 -21.91 -5.57 16.00
CA SER B 113 -21.32 -4.88 17.14
C SER B 113 -19.80 -4.84 17.16
N GLN B 114 -19.25 -3.92 17.96
CA GLN B 114 -17.83 -3.81 18.19
C GLN B 114 -17.59 -3.75 19.68
N THR B 115 -16.39 -4.15 20.10
CA THR B 115 -16.04 -4.21 21.52
C THR B 115 -14.64 -3.65 21.70
N GLN B 116 -14.46 -2.78 22.69
CA GLN B 116 -13.13 -2.28 22.99
C GLN B 116 -12.39 -3.28 23.87
N TYR B 117 -11.27 -3.79 23.38
CA TYR B 117 -10.43 -4.75 24.09
C TYR B 117 -9.21 -4.01 24.65
N ASP B 118 -9.07 -4.01 25.98
CA ASP B 118 -8.03 -3.25 26.67
C ASP B 118 -6.87 -4.19 27.01
N VAL B 119 -5.68 -3.87 26.48
CA VAL B 119 -4.54 -4.77 26.56
C VAL B 119 -3.43 -4.08 27.35
N ASP B 120 -3.16 -4.61 28.53
CA ASP B 120 -1.92 -4.35 29.27
C ASP B 120 -0.92 -5.39 28.79
N THR B 121 0.20 -4.95 28.22
CA THR B 121 1.18 -5.89 27.67
C THR B 121 2.20 -6.38 28.69
N THR B 122 2.07 -6.00 29.97
CA THR B 122 3.07 -6.37 30.98
C THR B 122 2.85 -7.67 31.76
N PRO B 123 1.64 -8.21 31.91
CA PRO B 123 1.48 -9.38 32.79
C PRO B 123 2.01 -10.66 32.15
N ASP B 124 2.18 -11.68 32.99
CA ASP B 124 2.67 -12.97 32.54
C ASP B 124 1.68 -13.72 31.65
N THR B 125 0.42 -13.25 31.59
CA THR B 125 -0.57 -13.82 30.68
C THR B 125 -0.47 -13.23 29.27
N PHE B 126 0.34 -12.19 29.06
CA PHE B 126 0.54 -11.63 27.73
C PHE B 126 1.72 -12.38 27.12
N VAL B 127 1.41 -13.46 26.41
CA VAL B 127 2.48 -14.29 25.85
C VAL B 127 2.19 -14.58 24.39
N PRO B 128 2.16 -13.58 23.51
CA PRO B 128 1.88 -13.86 22.09
C PRO B 128 2.90 -14.82 21.47
N HIS B 129 4.14 -14.84 21.99
CA HIS B 129 5.13 -15.79 21.50
C HIS B 129 4.65 -17.23 21.64
N LEU B 130 3.80 -17.49 22.64
CA LEU B 130 3.21 -18.81 22.85
C LEU B 130 1.82 -18.91 22.27
N GLY B 131 1.36 -17.86 21.60
CA GLY B 131 0.08 -17.88 20.90
C GLY B 131 -1.14 -17.46 21.69
N SER B 132 -0.99 -16.83 22.86
CA SER B 132 -2.18 -16.46 23.62
C SER B 132 -1.92 -15.20 24.45
N ILE B 133 -2.99 -14.42 24.66
CA ILE B 133 -2.96 -13.24 25.51
C ILE B 133 -4.26 -13.21 26.32
N GLN B 134 -4.23 -12.51 27.46
CA GLN B 134 -5.39 -12.53 28.33
C GLN B 134 -6.61 -11.93 27.64
N ALA B 135 -7.78 -12.50 27.90
CA ALA B 135 -9.01 -11.99 27.29
C ALA B 135 -9.49 -10.69 27.94
N ASN B 136 -9.14 -10.45 29.20
CA ASN B 136 -9.55 -9.27 29.95
C ASN B 136 -11.02 -8.91 29.69
N GLY B 137 -11.91 -9.88 29.83
CA GLY B 137 -13.34 -9.63 29.76
C GLY B 137 -13.99 -9.81 28.40
N ILE B 138 -13.21 -10.04 27.34
CA ILE B 138 -13.80 -10.28 26.02
C ILE B 138 -14.50 -11.63 26.05
N GLY B 139 -15.81 -11.63 25.80
CA GLY B 139 -16.57 -12.87 25.85
C GLY B 139 -16.16 -13.86 24.78
N SER B 140 -16.55 -15.12 24.98
CA SER B 140 -16.16 -16.19 24.07
C SER B 140 -16.61 -15.90 22.63
N GLY B 141 -15.76 -16.23 21.69
CA GLY B 141 -16.05 -16.00 20.28
C GLY B 141 -14.79 -15.77 19.50
N ASN B 142 -14.95 -15.73 18.17
CA ASN B 142 -13.87 -15.39 17.26
C ASN B 142 -13.96 -13.92 16.88
N TYR B 143 -12.82 -13.22 16.93
CA TYR B 143 -12.79 -11.79 16.66
C TYR B 143 -11.65 -11.46 15.71
N VAL B 144 -11.80 -10.34 15.00
CA VAL B 144 -10.69 -9.64 14.36
C VAL B 144 -10.61 -8.27 15.01
N GLY B 145 -9.40 -7.82 15.32
CA GLY B 145 -9.24 -6.55 16.01
C GLY B 145 -8.20 -5.67 15.35
N VAL B 146 -8.42 -4.36 15.46
CA VAL B 146 -7.44 -3.38 15.00
C VAL B 146 -7.15 -2.39 16.13
N LEU B 147 -5.87 -2.04 16.29
CA LEU B 147 -5.52 -1.01 17.26
C LEU B 147 -6.26 0.29 16.94
N SER B 148 -6.93 0.85 17.93
CA SER B 148 -7.76 2.04 17.79
C SER B 148 -7.17 3.25 18.49
N TRP B 149 -6.73 3.10 19.74
CA TRP B 149 -6.13 4.21 20.46
C TRP B 149 -5.28 3.62 21.58
N ILE B 150 -4.44 4.45 22.20
CA ILE B 150 -3.53 3.98 23.24
C ILE B 150 -3.64 4.89 24.45
N SER B 151 -3.08 4.42 25.58
CA SER B 151 -3.05 5.20 26.81
C SER B 151 -1.82 4.79 27.61
N PRO B 152 -1.52 5.49 28.70
CA PRO B 152 -0.33 5.13 29.47
C PRO B 152 -0.40 3.70 29.97
N PRO B 153 0.74 3.04 30.12
CA PRO B 153 0.72 1.64 30.58
C PRO B 153 0.14 1.51 31.98
N SER B 154 -0.64 0.45 32.17
CA SER B 154 -1.17 0.16 33.50
C SER B 154 -0.07 -0.16 34.50
N HIS B 155 1.05 -0.70 34.04
CA HIS B 155 2.18 -1.01 34.91
C HIS B 155 3.47 -0.70 34.16
N PRO B 156 4.49 -0.14 34.84
CA PRO B 156 4.47 0.30 36.23
C PRO B 156 3.53 1.49 36.43
N SER B 157 2.88 1.56 37.59
CA SER B 157 1.94 2.65 37.86
C SER B 157 2.61 3.99 37.62
N GLY B 158 1.90 4.87 36.92
CA GLY B 158 2.38 6.22 36.69
C GLY B 158 3.39 6.39 35.58
N SER B 159 3.75 5.34 34.86
CA SER B 159 4.68 5.53 33.76
C SER B 159 3.99 6.19 32.57
N GLN B 160 4.78 6.79 31.70
CA GLN B 160 4.28 7.53 30.54
C GLN B 160 4.28 6.65 29.30
N VAL B 161 3.57 7.09 28.28
CA VAL B 161 3.62 6.44 26.97
C VAL B 161 5.03 6.60 26.40
N ASP B 162 5.58 5.51 25.85
CA ASP B 162 6.95 5.52 25.29
C ASP B 162 6.92 4.61 24.08
N LEU B 163 6.62 5.19 22.92
CA LEU B 163 6.46 4.39 21.71
C LEU B 163 7.79 4.02 21.06
N TRP B 164 8.92 4.34 21.69
CA TRP B 164 10.19 3.79 21.23
C TRP B 164 10.38 2.33 21.61
N LYS B 165 9.51 1.78 22.47
CA LYS B 165 9.66 0.42 22.95
C LYS B 165 8.81 -0.54 22.14
N ILE B 166 9.08 -1.83 22.32
CA ILE B 166 8.24 -2.93 21.85
C ILE B 166 7.67 -3.65 23.06
N PRO B 167 6.57 -4.40 22.93
CA PRO B 167 6.03 -5.11 24.10
C PRO B 167 6.88 -6.34 24.45
N ASN B 168 6.59 -6.90 25.61
CA ASN B 168 7.23 -8.14 26.07
C ASN B 168 6.49 -9.33 25.47
N TYR B 169 6.98 -9.84 24.34
CA TYR B 169 6.29 -10.93 23.63
C TYR B 169 6.42 -12.26 24.35
N GLY B 170 7.48 -12.46 25.12
CA GLY B 170 7.73 -13.73 25.79
C GLY B 170 7.11 -13.78 27.17
N SER B 171 7.69 -14.62 28.02
CA SER B 171 7.23 -14.71 29.40
C SER B 171 8.47 -14.78 30.30
N SER B 172 8.23 -14.89 31.61
CA SER B 172 9.33 -15.09 32.54
C SER B 172 10.00 -16.45 32.32
N ILE B 173 9.23 -17.44 31.86
CA ILE B 173 9.78 -18.77 31.62
C ILE B 173 10.67 -18.77 30.38
N THR B 174 10.22 -18.12 29.30
CA THR B 174 10.91 -18.20 28.02
C THR B 174 10.92 -16.85 27.34
N GLU B 175 12.08 -16.46 26.81
CA GLU B 175 12.16 -15.27 26.00
C GLU B 175 11.66 -15.55 24.59
N ALA B 176 11.06 -14.53 23.98
CA ALA B 176 10.63 -14.67 22.59
C ALA B 176 11.86 -14.81 21.69
N THR B 177 11.70 -15.57 20.62
CA THR B 177 12.79 -15.88 19.71
C THR B 177 12.45 -15.37 18.31
N HIS B 178 13.49 -15.30 17.48
CA HIS B 178 13.36 -14.92 16.06
C HIS B 178 12.68 -13.55 15.91
N LEU B 179 13.05 -12.62 16.79
CA LEU B 179 12.65 -11.23 16.60
C LEU B 179 13.51 -10.59 15.53
N ALA B 180 12.94 -9.57 14.87
CA ALA B 180 13.77 -8.70 14.07
C ALA B 180 14.86 -8.09 14.95
N PRO B 181 16.10 -8.04 14.48
CA PRO B 181 17.20 -7.56 15.34
C PRO B 181 17.07 -6.07 15.64
N SER B 182 17.81 -5.63 16.66
CA SER B 182 17.82 -4.22 16.98
C SER B 182 18.52 -3.43 15.88
N VAL B 183 18.15 -2.16 15.79
CA VAL B 183 18.78 -1.20 14.90
C VAL B 183 19.48 -0.16 15.76
N TYR B 184 20.71 0.20 15.38
CA TYR B 184 21.52 1.11 16.17
C TYR B 184 21.97 2.26 15.28
N PRO B 185 22.24 3.42 15.87
CA PRO B 185 22.78 4.55 15.09
C PRO B 185 24.16 4.19 14.59
N PRO B 186 24.47 4.51 13.33
CA PRO B 186 25.71 4.03 12.71
C PRO B 186 26.98 4.73 13.17
N GLY B 187 26.88 5.97 13.63
CA GLY B 187 28.08 6.74 13.91
C GLY B 187 28.28 7.87 12.93
N PHE B 188 29.37 8.60 13.13
CA PHE B 188 29.73 9.75 12.28
C PHE B 188 28.72 10.87 12.40
N GLY B 189 28.11 11.02 13.57
CA GLY B 189 27.09 12.02 13.69
C GLY B 189 25.81 11.71 12.96
N GLU B 190 25.64 10.48 12.44
CA GLU B 190 24.37 10.15 11.82
C GLU B 190 23.38 9.78 12.91
N VAL B 191 22.10 10.03 12.63
CA VAL B 191 21.04 9.62 13.52
C VAL B 191 20.00 8.89 12.68
N LEU B 192 19.29 7.97 13.31
CA LEU B 192 18.20 7.28 12.63
C LEU B 192 17.09 8.26 12.29
N VAL B 193 16.43 8.03 11.16
CA VAL B 193 15.33 8.88 10.72
C VAL B 193 14.04 8.09 10.91
N PHE B 194 13.04 8.73 11.51
CA PHE B 194 11.77 8.06 11.78
C PHE B 194 10.63 8.82 11.11
N PHE B 195 9.63 8.06 10.66
CA PHE B 195 8.43 8.62 10.07
C PHE B 195 7.34 8.57 11.13
N MET B 196 6.76 9.74 11.45
CA MET B 196 5.92 9.88 12.63
C MET B 196 4.45 10.03 12.26
N SER B 197 3.59 9.51 13.13
CA SER B 197 2.15 9.64 12.98
C SER B 197 1.51 9.98 14.32
N LYS B 198 0.47 10.81 14.26
CA LYS B 198 -0.31 11.11 15.45
C LYS B 198 -1.22 9.93 15.78
N MET B 199 -1.16 9.48 17.05
CA MET B 199 -1.93 8.33 17.50
C MET B 199 -3.00 8.78 18.49
N PRO B 200 -4.27 8.42 18.26
CA PRO B 200 -5.34 8.86 19.18
C PRO B 200 -5.15 8.31 20.59
N GLY B 201 -5.70 9.04 21.54
CA GLY B 201 -5.58 8.70 22.94
C GLY B 201 -5.33 9.95 23.78
N PRO B 202 -5.30 9.79 25.09
CA PRO B 202 -5.28 10.95 26.00
C PRO B 202 -3.92 11.64 26.17
N GLY B 203 -3.25 11.91 25.05
CA GLY B 203 -2.02 12.68 25.09
C GLY B 203 -1.63 13.03 23.67
N ALA B 204 -0.49 13.71 23.54
CA ALA B 204 0.01 14.12 22.22
C ALA B 204 0.97 13.04 21.70
N TYR B 205 0.39 11.90 21.32
CA TYR B 205 1.17 10.71 21.02
C TYR B 205 1.69 10.76 19.59
N ASN B 206 2.98 10.46 19.41
CA ASN B 206 3.61 10.41 18.10
C ASN B 206 4.27 9.05 17.93
N LEU B 207 3.84 8.30 16.92
CA LEU B 207 4.29 6.94 16.69
C LEU B 207 5.40 6.91 15.64
N PRO B 208 6.61 6.48 15.99
CA PRO B 208 7.70 6.41 15.01
C PRO B 208 7.77 5.05 14.34
N CYS B 209 8.17 5.05 13.06
CA CYS B 209 8.49 3.82 12.35
C CYS B 209 9.67 4.08 11.43
N LEU B 210 10.28 2.99 10.97
CA LEU B 210 11.51 3.12 10.19
C LEU B 210 11.27 3.35 8.71
N LEU B 211 10.14 2.88 8.17
CA LEU B 211 9.84 2.99 6.73
C LEU B 211 8.34 3.15 6.55
N PRO B 212 7.89 4.00 5.63
CA PRO B 212 6.46 4.03 5.32
C PRO B 212 6.02 2.68 4.77
N GLN B 213 4.78 2.29 5.06
CA GLN B 213 4.31 0.99 4.59
C GLN B 213 4.40 0.88 3.08
N GLU B 214 4.14 1.97 2.36
CA GLU B 214 4.16 1.90 0.90
C GLU B 214 5.56 1.68 0.36
N TYR B 215 6.59 2.11 1.08
CA TYR B 215 7.95 1.71 0.70
C TYR B 215 8.14 0.20 0.81
N ILE B 216 7.57 -0.40 1.86
CA ILE B 216 7.72 -1.83 2.10
C ILE B 216 7.09 -2.65 0.97
N SER B 217 5.84 -2.32 0.60
CA SER B 217 5.25 -3.09 -0.49
C SER B 217 5.99 -2.84 -1.79
N HIS B 218 6.59 -1.66 -1.94
CA HIS B 218 7.40 -1.38 -3.11
C HIS B 218 8.65 -2.25 -3.15
N LEU B 219 9.40 -2.30 -2.04
CA LEU B 219 10.64 -3.08 -2.02
C LEU B 219 10.35 -4.58 -2.15
N ALA B 220 9.30 -5.04 -1.48
CA ALA B 220 8.92 -6.45 -1.53
C ALA B 220 8.56 -6.88 -2.93
N SER B 221 8.04 -5.96 -3.74
CA SER B 221 7.73 -6.24 -5.14
C SER B 221 8.97 -6.12 -6.03
N GLU B 222 9.71 -5.01 -5.88
CA GLU B 222 10.85 -4.75 -6.77
C GLU B 222 11.98 -5.73 -6.56
N GLN B 223 12.34 -5.99 -5.31
CA GLN B 223 13.42 -6.92 -4.96
C GLN B 223 14.71 -6.59 -5.70
N ALA B 224 15.05 -5.32 -5.73
CA ALA B 224 16.25 -4.87 -6.42
C ALA B 224 17.47 -5.34 -5.64
N PRO B 225 18.45 -5.96 -6.31
CA PRO B 225 19.65 -6.39 -5.60
C PRO B 225 20.36 -5.23 -4.93
N THR B 226 20.78 -5.45 -3.69
CA THR B 226 21.49 -4.43 -2.92
C THR B 226 22.96 -4.54 -3.30
N VAL B 227 23.38 -3.76 -4.31
CA VAL B 227 24.72 -3.94 -4.86
C VAL B 227 25.74 -3.02 -4.22
N GLY B 228 25.35 -2.21 -3.23
CA GLY B 228 26.26 -1.34 -2.53
C GLY B 228 26.04 -1.43 -1.03
N GLU B 229 26.91 -0.72 -0.30
CA GLU B 229 26.86 -0.77 1.16
C GLU B 229 25.78 0.15 1.72
N ALA B 230 25.45 1.22 1.00
CA ALA B 230 24.41 2.14 1.43
C ALA B 230 23.91 2.89 0.21
N ALA B 231 22.63 3.26 0.24
CA ALA B 231 21.99 3.99 -0.85
C ALA B 231 21.93 5.47 -0.47
N LEU B 232 22.68 6.31 -1.19
CA LEU B 232 22.58 7.75 -1.02
C LEU B 232 21.27 8.26 -1.61
N LEU B 233 20.51 9.03 -0.82
CA LEU B 233 19.22 9.56 -1.24
C LEU B 233 19.23 11.07 -1.14
N HIS B 234 18.42 11.71 -1.99
CA HIS B 234 18.03 13.11 -1.82
C HIS B 234 16.55 13.18 -1.46
N TYR B 235 16.23 14.05 -0.51
CA TYR B 235 14.85 14.43 -0.20
C TYR B 235 14.52 15.69 -1.01
N VAL B 236 13.63 15.58 -1.99
CA VAL B 236 13.46 16.59 -3.03
C VAL B 236 12.17 17.37 -2.81
N ASP B 237 12.25 18.69 -2.92
CA ASP B 237 11.07 19.52 -2.84
C ASP B 237 10.35 19.50 -4.19
N PRO B 238 9.10 19.07 -4.27
CA PRO B 238 8.42 19.00 -5.58
C PRO B 238 8.09 20.36 -6.17
N ASP B 239 8.08 21.43 -5.38
CA ASP B 239 7.81 22.76 -5.91
C ASP B 239 9.02 23.26 -6.71
N THR B 240 10.18 23.34 -6.06
CA THR B 240 11.38 23.94 -6.63
C THR B 240 12.32 22.92 -7.23
N GLY B 241 12.19 21.65 -6.90
CA GLY B 241 13.12 20.63 -7.30
C GLY B 241 14.41 20.60 -6.51
N ARG B 242 14.56 21.47 -5.52
CA ARG B 242 15.79 21.55 -4.76
C ARG B 242 15.94 20.33 -3.85
N ASN B 243 17.20 19.94 -3.63
CA ASN B 243 17.53 18.89 -2.67
C ASN B 243 17.46 19.48 -1.27
N LEU B 244 16.55 18.98 -0.45
CA LEU B 244 16.41 19.45 0.92
C LEU B 244 17.36 18.77 1.89
N GLY B 245 18.02 17.69 1.48
CA GLY B 245 18.97 17.05 2.36
C GLY B 245 19.35 15.67 1.88
N GLU B 246 20.58 15.24 2.15
CA GLU B 246 20.98 13.92 1.72
C GLU B 246 20.85 12.94 2.89
N PHE B 247 20.49 11.71 2.55
CA PHE B 247 20.21 10.65 3.50
C PHE B 247 20.90 9.39 3.00
N LYS B 248 21.16 8.46 3.92
CA LYS B 248 21.61 7.13 3.55
C LYS B 248 20.56 6.12 3.98
N ALA B 249 20.18 5.23 3.06
CA ALA B 249 19.36 4.07 3.39
C ALA B 249 20.29 2.87 3.49
N TYR B 250 20.21 2.15 4.58
CA TYR B 250 21.10 1.02 4.77
C TYR B 250 20.41 -0.28 4.38
N PRO B 251 21.17 -1.30 3.98
CA PRO B 251 20.53 -2.56 3.50
C PRO B 251 19.51 -3.15 4.45
N ASP B 252 19.73 -3.04 5.76
CA ASP B 252 18.78 -3.63 6.70
C ASP B 252 17.46 -2.89 6.75
N GLY B 253 17.34 -1.74 6.10
CA GLY B 253 16.02 -1.14 5.88
C GLY B 253 15.72 0.06 6.75
N PHE B 254 16.66 0.98 6.85
CA PHE B 254 16.43 2.17 7.64
C PHE B 254 17.23 3.32 7.02
N LEU B 255 16.81 4.53 7.36
CA LEU B 255 17.41 5.75 6.85
C LEU B 255 18.12 6.48 7.97
N THR B 256 19.18 7.21 7.60
CA THR B 256 19.87 8.08 8.52
C THR B 256 20.16 9.41 7.83
N CYS B 257 20.48 10.41 8.64
CA CYS B 257 21.01 11.66 8.14
C CYS B 257 21.88 12.27 9.23
N VAL B 258 22.63 13.29 8.86
CA VAL B 258 23.38 14.11 9.82
C VAL B 258 22.56 15.38 10.07
N PRO B 259 22.03 15.59 11.27
CA PRO B 259 21.04 16.66 11.47
C PRO B 259 21.64 18.06 11.33
N SER B 264 16.73 22.49 14.51
CA SER B 264 17.10 22.67 13.11
C SER B 264 17.74 21.42 12.51
N GLY B 265 16.93 20.62 11.82
CA GLY B 265 17.39 19.39 11.22
C GLY B 265 16.25 18.68 10.52
N PRO B 266 16.28 17.33 10.49
CA PRO B 266 15.25 16.60 9.75
C PRO B 266 13.84 16.80 10.30
N GLN B 267 13.70 17.05 11.60
CA GLN B 267 12.37 17.22 12.18
C GLN B 267 11.67 18.47 11.67
N GLN B 268 12.42 19.46 11.20
CA GLN B 268 11.83 20.67 10.63
C GLN B 268 11.60 20.55 9.13
N LEU B 269 11.94 19.43 8.51
CA LEU B 269 11.71 19.26 7.09
C LEU B 269 10.21 19.21 6.80
N PRO B 270 9.76 19.77 5.68
CA PRO B 270 8.36 19.58 5.29
C PRO B 270 8.13 18.13 4.91
N ILE B 271 6.88 17.69 5.02
CA ILE B 271 6.56 16.28 4.76
C ILE B 271 6.04 16.06 3.35
N ASN B 272 6.04 17.08 2.50
CA ASN B 272 5.53 16.97 1.14
C ASN B 272 6.62 16.62 0.12
N GLY B 273 7.81 16.20 0.56
CA GLY B 273 8.89 15.89 -0.36
C GLY B 273 8.90 14.42 -0.78
N VAL B 274 9.82 14.09 -1.68
CA VAL B 274 9.97 12.74 -2.20
C VAL B 274 11.42 12.33 -2.01
N PHE B 275 11.63 11.11 -1.51
CA PHE B 275 12.97 10.54 -1.42
C PHE B 275 13.35 9.93 -2.78
N VAL B 276 14.53 10.28 -3.28
CA VAL B 276 14.98 9.82 -4.60
C VAL B 276 16.35 9.18 -4.45
N PHE B 277 16.49 7.98 -5.01
CA PHE B 277 17.79 7.29 -5.02
C PHE B 277 18.77 8.02 -5.93
N VAL B 278 19.98 8.23 -5.42
CA VAL B 278 21.04 8.87 -6.17
C VAL B 278 22.09 7.86 -6.63
N SER B 279 22.70 7.14 -5.68
CA SER B 279 23.75 6.19 -6.04
C SER B 279 24.11 5.36 -4.83
N TRP B 280 24.79 4.24 -5.11
CA TRP B 280 25.34 3.39 -4.06
C TRP B 280 26.65 3.98 -3.57
N VAL B 281 26.85 3.99 -2.25
CA VAL B 281 28.04 4.58 -1.64
C VAL B 281 28.54 3.67 -0.52
N SER B 282 29.74 3.98 -0.03
CA SER B 282 30.31 3.27 1.11
C SER B 282 29.44 3.46 2.35
N ARG B 283 29.43 2.44 3.22
CA ARG B 283 28.74 2.59 4.49
C ARG B 283 29.34 3.71 5.33
N PHE B 284 30.57 4.13 5.03
CA PHE B 284 31.20 5.20 5.79
C PHE B 284 31.22 6.51 5.00
N TYR B 285 30.41 6.60 3.95
CA TYR B 285 30.25 7.86 3.22
C TYR B 285 29.72 8.96 4.14
N GLN B 286 30.38 10.12 4.12
CA GLN B 286 30.08 11.23 5.03
C GLN B 286 29.04 12.15 4.41
N LEU B 287 27.88 12.27 5.06
CA LEU B 287 26.78 13.07 4.56
C LEU B 287 26.95 14.55 4.89
N LYS B 288 26.48 15.40 3.98
CA LYS B 288 26.36 16.82 4.32
C LYS B 288 25.22 17.00 5.32
N PRO B 289 25.41 17.79 6.37
CA PRO B 289 24.35 17.98 7.35
C PRO B 289 23.08 18.57 6.72
N VAL B 290 21.94 18.07 7.17
CA VAL B 290 20.66 18.54 6.65
C VAL B 290 20.47 20.00 7.01
N GLN C 1 12.81 -13.47 9.93
CA GLN C 1 14.00 -14.30 10.16
C GLN C 1 13.67 -15.79 10.22
N VAL C 2 14.46 -16.59 9.50
CA VAL C 2 14.25 -18.02 9.36
C VAL C 2 15.58 -18.70 9.70
N GLN C 3 15.52 -19.75 10.51
CA GLN C 3 16.72 -20.49 10.90
C GLN C 3 16.69 -21.87 10.29
N LEU C 4 17.84 -22.32 9.78
CA LEU C 4 17.96 -23.58 9.07
C LEU C 4 19.10 -24.38 9.68
N GLN C 5 18.85 -25.67 9.94
CA GLN C 5 19.85 -26.53 10.57
C GLN C 5 19.86 -27.88 9.86
N GLU C 6 20.95 -28.18 9.16
CA GLU C 6 21.10 -29.44 8.44
C GLU C 6 21.68 -30.50 9.36
N SER C 7 21.45 -31.75 8.97
CA SER C 7 22.09 -32.89 9.62
C SER C 7 22.00 -34.08 8.67
N GLY C 8 22.82 -35.11 8.94
CA GLY C 8 22.73 -36.36 8.22
C GLY C 8 23.84 -36.63 7.21
N GLY C 9 24.82 -35.77 7.07
CA GLY C 9 25.93 -36.04 6.16
C GLY C 9 26.84 -37.13 6.69
N GLY C 10 27.85 -37.46 5.88
CA GLY C 10 28.83 -38.44 6.27
C GLY C 10 29.38 -39.18 5.06
N LEU C 11 30.06 -40.29 5.34
CA LEU C 11 30.69 -41.11 4.32
C LEU C 11 29.73 -42.17 3.81
N VAL C 12 29.71 -42.38 2.50
CA VAL C 12 28.84 -43.36 1.87
C VAL C 12 29.61 -44.06 0.76
N MET C 13 29.31 -45.34 0.56
CA MET C 13 29.94 -46.08 -0.52
C MET C 13 29.29 -45.73 -1.85
N THR C 14 30.10 -45.78 -2.91
CA THR C 14 29.58 -45.53 -4.26
C THR C 14 28.43 -46.48 -4.55
N GLY C 15 27.36 -45.94 -5.12
CA GLY C 15 26.13 -46.67 -5.34
C GLY C 15 25.16 -46.67 -4.18
N GLY C 16 25.59 -46.18 -3.01
CA GLY C 16 24.73 -46.17 -1.83
C GLY C 16 23.74 -45.02 -1.83
N SER C 17 23.01 -44.92 -0.70
CA SER C 17 21.96 -43.92 -0.50
C SER C 17 22.23 -43.13 0.76
N LEU C 18 21.71 -41.91 0.81
CA LEU C 18 21.83 -41.05 1.98
C LEU C 18 20.67 -40.07 1.99
N ARG C 19 20.13 -39.80 3.18
CA ARG C 19 19.05 -38.83 3.36
C ARG C 19 19.52 -37.70 4.26
N LEU C 20 19.57 -36.50 3.71
CA LEU C 20 19.85 -35.30 4.51
C LEU C 20 18.54 -34.71 5.01
N SER C 21 18.61 -34.00 6.13
CA SER C 21 17.43 -33.35 6.69
C SER C 21 17.79 -31.93 7.12
N CYS C 22 16.79 -31.06 7.11
CA CYS C 22 17.01 -29.67 7.46
C CYS C 22 15.81 -29.18 8.26
N ALA C 23 16.07 -28.75 9.49
CA ALA C 23 15.01 -28.24 10.37
C ALA C 23 14.82 -26.75 10.11
N VAL C 24 13.59 -26.36 9.81
CA VAL C 24 13.23 -24.98 9.48
C VAL C 24 12.47 -24.37 10.65
N SER C 25 12.93 -23.23 11.14
CA SER C 25 12.28 -22.57 12.25
C SER C 25 12.22 -21.06 12.03
N GLY C 26 11.38 -20.41 12.84
CA GLY C 26 11.17 -18.98 12.73
C GLY C 26 9.95 -18.61 11.89
N ARG C 27 10.10 -17.59 11.04
CA ARG C 27 8.97 -17.03 10.28
C ARG C 27 8.78 -17.86 9.01
N THR C 28 8.14 -19.02 9.19
CA THR C 28 7.90 -19.96 8.10
C THR C 28 6.60 -19.70 7.35
N ILE C 29 5.76 -18.78 7.86
CA ILE C 29 4.45 -18.53 7.26
C ILE C 29 4.59 -18.17 5.78
N ASP C 30 5.60 -17.36 5.43
CA ASP C 30 5.76 -16.97 4.04
C ASP C 30 7.08 -17.43 3.43
N VAL C 31 7.61 -18.55 3.92
CA VAL C 31 8.64 -19.26 3.17
C VAL C 31 7.95 -19.93 1.99
N SER C 32 8.37 -19.60 0.78
CA SER C 32 7.72 -20.20 -0.38
C SER C 32 8.54 -21.27 -1.06
N VAL C 33 9.88 -21.24 -0.93
CA VAL C 33 10.76 -22.23 -1.57
C VAL C 33 11.80 -22.71 -0.55
N MET C 34 11.97 -24.03 -0.48
CA MET C 34 13.11 -24.64 0.22
C MET C 34 13.95 -25.38 -0.81
N ALA C 35 15.27 -25.31 -0.67
CA ALA C 35 16.13 -25.92 -1.66
C ALA C 35 17.38 -26.48 -1.00
N TRP C 36 18.06 -27.36 -1.75
CA TRP C 36 19.37 -27.87 -1.37
C TRP C 36 20.38 -27.44 -2.43
N PHE C 37 21.52 -26.93 -1.97
CA PHE C 37 22.65 -26.62 -2.82
C PHE C 37 23.83 -27.50 -2.41
N ARG C 38 24.86 -27.50 -3.24
CA ARG C 38 26.05 -28.24 -2.88
C ARG C 38 27.27 -27.50 -3.42
N GLN C 39 28.37 -27.62 -2.67
CA GLN C 39 29.61 -26.92 -2.97
C GLN C 39 30.75 -27.93 -2.87
N ALA C 40 31.36 -28.24 -4.01
CA ALA C 40 32.51 -29.14 -4.09
C ALA C 40 33.79 -28.33 -3.90
N PRO C 41 34.90 -28.98 -3.55
CA PRO C 41 36.15 -28.23 -3.31
C PRO C 41 36.52 -27.37 -4.52
N GLY C 42 36.79 -26.09 -4.25
CA GLY C 42 37.16 -25.18 -5.31
C GLY C 42 36.07 -24.87 -6.32
N LYS C 43 34.81 -25.14 -5.99
CA LYS C 43 33.69 -24.89 -6.88
C LYS C 43 32.66 -24.00 -6.20
N GLU C 44 31.81 -23.38 -7.02
CA GLU C 44 30.75 -22.51 -6.53
C GLU C 44 29.58 -23.34 -6.03
N ARG C 45 28.79 -22.74 -5.13
CA ARG C 45 27.57 -23.38 -4.65
C ARG C 45 26.57 -23.55 -5.79
N GLU C 46 26.04 -24.77 -5.95
CA GLU C 46 25.22 -25.12 -7.11
C GLU C 46 23.90 -25.74 -6.67
N PHE C 47 22.83 -25.36 -7.38
CA PHE C 47 21.50 -25.89 -7.10
C PHE C 47 21.45 -27.39 -7.31
N VAL C 48 20.81 -28.08 -6.37
CA VAL C 48 20.63 -29.53 -6.43
C VAL C 48 19.16 -29.88 -6.64
N SER C 49 18.30 -29.53 -5.68
CA SER C 49 16.87 -29.80 -5.74
C SER C 49 16.13 -28.74 -4.93
N GLY C 50 14.92 -28.41 -5.37
CA GLY C 50 14.14 -27.38 -4.72
C GLY C 50 12.67 -27.70 -4.81
N MET C 51 11.89 -27.14 -3.87
CA MET C 51 10.48 -27.43 -3.83
C MET C 51 9.71 -26.20 -3.40
N ARG C 52 8.50 -26.07 -3.92
CA ARG C 52 7.55 -25.11 -3.37
C ARG C 52 7.12 -25.57 -1.98
N TRP C 53 7.45 -24.78 -0.96
CA TRP C 53 7.31 -25.20 0.44
C TRP C 53 5.87 -25.59 0.76
N SER C 54 4.92 -24.75 0.37
CA SER C 54 3.51 -25.02 0.63
C SER C 54 2.78 -25.59 -0.58
N GLY C 55 3.46 -25.73 -1.72
CA GLY C 55 2.89 -26.34 -2.89
C GLY C 55 3.36 -27.78 -3.03
N MET C 56 3.12 -28.34 -4.20
CA MET C 56 3.45 -29.74 -4.44
C MET C 56 4.59 -29.96 -5.41
N THR C 57 5.03 -28.93 -6.13
CA THR C 57 5.99 -29.12 -7.20
C THR C 57 7.43 -29.09 -6.70
N THR C 58 8.26 -29.90 -7.35
CA THR C 58 9.69 -29.93 -7.09
C THR C 58 10.45 -29.86 -8.40
N TYR C 59 11.72 -29.50 -8.31
CA TYR C 59 12.59 -29.45 -9.48
C TYR C 59 14.00 -29.82 -9.03
N SER C 60 14.68 -30.65 -9.82
CA SER C 60 16.05 -31.07 -9.54
C SER C 60 16.94 -30.73 -10.72
N ALA C 61 18.20 -30.42 -10.42
CA ALA C 61 19.19 -30.23 -11.48
C ALA C 61 19.31 -31.50 -12.31
N ASP C 62 19.70 -31.34 -13.57
CA ASP C 62 19.76 -32.50 -14.47
C ASP C 62 20.71 -33.58 -13.98
N SER C 63 21.80 -33.20 -13.30
CA SER C 63 22.79 -34.18 -12.89
C SER C 63 22.28 -35.13 -11.82
N VAL C 64 21.17 -34.81 -11.15
CA VAL C 64 20.64 -35.62 -10.07
C VAL C 64 19.18 -35.97 -10.25
N LYS C 65 18.53 -35.54 -11.34
CA LYS C 65 17.07 -35.58 -11.41
C LYS C 65 16.51 -36.99 -11.28
N ASP C 66 17.23 -38.00 -11.76
CA ASP C 66 16.73 -39.36 -11.71
C ASP C 66 17.14 -40.10 -10.45
N ARG C 67 17.85 -39.44 -9.53
CA ARG C 67 18.41 -40.09 -8.35
C ARG C 67 18.09 -39.39 -7.04
N PHE C 68 17.81 -38.09 -7.03
CA PHE C 68 17.60 -37.32 -5.80
C PHE C 68 16.15 -36.87 -5.70
N THR C 69 15.60 -36.89 -4.49
CA THR C 69 14.24 -36.42 -4.24
C THR C 69 14.20 -35.51 -3.03
N ILE C 70 13.55 -34.33 -3.19
CA ILE C 70 13.33 -33.39 -2.09
C ILE C 70 11.90 -33.54 -1.61
N SER C 71 11.68 -33.41 -0.30
CA SER C 71 10.35 -33.55 0.25
C SER C 71 10.26 -32.83 1.59
N ARG C 72 9.03 -32.56 2.00
CA ARG C 72 8.74 -31.91 3.27
C ARG C 72 8.06 -32.90 4.19
N ASP C 73 8.49 -32.93 5.44
CA ASP C 73 7.87 -33.80 6.43
C ASP C 73 6.41 -33.40 6.64
N LYS C 74 5.54 -34.41 6.77
CA LYS C 74 4.12 -34.14 6.95
C LYS C 74 3.77 -33.71 8.37
N THR C 75 4.62 -34.02 9.35
CA THR C 75 4.37 -33.67 10.74
C THR C 75 5.15 -32.44 11.18
N LYS C 76 6.46 -32.41 10.92
CA LYS C 76 7.33 -31.35 11.37
C LYS C 76 7.78 -30.48 10.21
N ASN C 77 8.32 -29.29 10.52
CA ASN C 77 8.84 -28.38 9.51
C ASN C 77 10.28 -28.77 9.16
N THR C 78 10.39 -29.92 8.50
CA THR C 78 11.68 -30.47 8.09
C THR C 78 11.63 -30.78 6.62
N VAL C 79 12.67 -30.39 5.88
CA VAL C 79 12.80 -30.74 4.48
C VAL C 79 13.88 -31.81 4.36
N TYR C 80 13.66 -32.77 3.47
CA TYR C 80 14.56 -33.90 3.29
C TYR C 80 15.13 -33.89 1.88
N LEU C 81 16.37 -34.37 1.75
CA LEU C 81 16.97 -34.67 0.44
C LEU C 81 17.34 -36.14 0.43
N GLN C 82 16.59 -36.93 -0.34
CA GLN C 82 16.88 -38.34 -0.52
C GLN C 82 17.83 -38.53 -1.69
N MET C 83 19.02 -39.04 -1.43
CA MET C 83 20.08 -39.17 -2.43
C MET C 83 20.31 -40.66 -2.68
N ASN C 84 20.09 -41.08 -3.92
CA ASN C 84 20.31 -42.48 -4.28
C ASN C 84 21.41 -42.58 -5.33
N SER C 85 21.97 -43.79 -5.44
CA SER C 85 23.00 -44.09 -6.44
C SER C 85 24.12 -43.06 -6.41
N LEU C 86 24.60 -42.77 -5.19
CA LEU C 86 25.63 -41.76 -5.03
C LEU C 86 26.92 -42.18 -5.75
N LYS C 87 27.62 -41.21 -6.31
CA LYS C 87 28.86 -41.39 -7.02
C LYS C 87 29.90 -40.44 -6.46
N PRO C 88 31.19 -40.70 -6.67
CA PRO C 88 32.21 -39.77 -6.17
C PRO C 88 31.98 -38.32 -6.58
N GLU C 89 31.42 -38.09 -7.77
CA GLU C 89 31.18 -36.72 -8.23
C GLU C 89 30.13 -36.00 -7.40
N ASP C 90 29.43 -36.70 -6.52
CA ASP C 90 28.46 -36.09 -5.63
C ASP C 90 29.07 -35.58 -4.32
N THR C 91 30.37 -35.80 -4.10
CA THR C 91 31.02 -35.34 -2.89
C THR C 91 31.01 -33.82 -2.82
N ALA C 92 30.50 -33.28 -1.71
CA ALA C 92 30.41 -31.85 -1.52
C ALA C 92 29.86 -31.57 -0.12
N VAL C 93 29.91 -30.30 0.26
CA VAL C 93 29.14 -29.82 1.40
C VAL C 93 27.77 -29.40 0.86
N TYR C 94 26.72 -29.93 1.47
CA TYR C 94 25.36 -29.68 1.02
C TYR C 94 24.71 -28.67 1.96
N TYR C 95 24.04 -27.67 1.39
CA TYR C 95 23.45 -26.58 2.15
C TYR C 95 21.94 -26.55 1.94
N CYS C 96 21.22 -26.32 3.03
CA CYS C 96 19.79 -26.06 3.02
C CYS C 96 19.57 -24.56 2.86
N ALA C 97 18.57 -24.17 2.04
CA ALA C 97 18.33 -22.76 1.78
C ALA C 97 16.84 -22.47 1.69
N ALA C 98 16.44 -21.29 2.19
CA ALA C 98 15.05 -20.88 2.21
C ALA C 98 14.87 -19.58 1.45
N ARG C 99 13.74 -19.45 0.76
CA ARG C 99 13.36 -18.25 0.05
C ARG C 99 12.00 -17.79 0.55
N SER C 100 11.93 -16.56 1.07
CA SER C 100 10.68 -15.97 1.54
C SER C 100 10.12 -14.89 0.62
N ARG C 101 10.98 -14.14 -0.07
CA ARG C 101 10.48 -13.12 -0.98
C ARG C 101 9.65 -13.77 -2.08
N PHE C 102 8.61 -13.05 -2.53
CA PHE C 102 7.68 -13.64 -3.48
C PHE C 102 8.38 -14.01 -4.78
N ILE C 103 8.07 -15.20 -5.30
CA ILE C 103 8.64 -15.61 -6.57
C ILE C 103 7.72 -16.67 -7.18
N VAL C 104 7.71 -16.71 -8.50
CA VAL C 104 7.04 -17.80 -9.23
C VAL C 104 8.05 -18.91 -9.48
N GLY C 105 7.68 -20.14 -9.12
CA GLY C 105 8.51 -21.29 -9.44
C GLY C 105 9.59 -21.51 -8.38
N VAL C 106 10.58 -22.29 -8.78
CA VAL C 106 11.68 -22.67 -7.92
C VAL C 106 12.98 -22.12 -8.52
N PRO C 107 13.54 -21.06 -7.94
CA PRO C 107 14.77 -20.49 -8.50
C PRO C 107 15.97 -21.38 -8.22
N GLN C 108 16.94 -21.34 -9.13
CA GLN C 108 18.18 -22.07 -9.00
C GLN C 108 19.38 -21.19 -8.70
N ALA C 109 19.25 -19.87 -8.82
CA ALA C 109 20.34 -18.95 -8.54
C ALA C 109 20.57 -18.85 -7.05
N ARG C 110 21.83 -19.05 -6.62
CA ARG C 110 22.11 -18.99 -5.20
C ARG C 110 21.79 -17.60 -4.64
N ASP C 111 21.98 -16.55 -5.46
CA ASP C 111 21.81 -15.19 -4.98
C ASP C 111 20.36 -14.86 -4.67
N LEU C 112 19.42 -15.65 -5.19
CA LEU C 112 18.01 -15.36 -4.95
C LEU C 112 17.50 -15.91 -3.63
N TYR C 113 18.25 -16.79 -2.96
CA TYR C 113 17.78 -17.37 -1.71
C TYR C 113 18.03 -16.42 -0.55
N ASP C 114 17.17 -16.51 0.48
CA ASP C 114 17.15 -15.55 1.58
C ASP C 114 17.83 -16.04 2.85
N TYR C 115 17.83 -17.35 3.11
CA TYR C 115 18.38 -17.88 4.35
C TYR C 115 19.17 -19.14 4.03
N TRP C 116 20.22 -19.39 4.80
CA TRP C 116 21.12 -20.50 4.54
C TRP C 116 21.42 -21.26 5.82
N GLY C 117 21.52 -22.58 5.70
CA GLY C 117 22.03 -23.39 6.78
C GLY C 117 23.55 -23.35 6.82
N GLN C 118 24.10 -24.06 7.80
CA GLN C 118 25.54 -24.13 8.01
C GLN C 118 26.23 -25.18 7.16
N GLY C 119 25.49 -26.10 6.55
CA GLY C 119 26.11 -27.09 5.66
C GLY C 119 26.43 -28.40 6.37
N THR C 120 26.42 -29.49 5.59
CA THR C 120 26.78 -30.81 6.09
C THR C 120 27.59 -31.56 5.04
N GLN C 121 28.71 -32.15 5.45
CA GLN C 121 29.60 -32.81 4.52
C GLN C 121 29.03 -34.15 4.04
N VAL C 122 29.06 -34.38 2.73
CA VAL C 122 28.76 -35.68 2.15
C VAL C 122 29.97 -36.12 1.33
N THR C 123 30.49 -37.32 1.64
CA THR C 123 31.66 -37.87 0.96
C THR C 123 31.32 -39.25 0.42
N VAL C 124 31.48 -39.44 -0.89
CA VAL C 124 31.17 -40.69 -1.55
C VAL C 124 32.48 -41.34 -1.99
N SER C 125 32.83 -42.45 -1.36
CA SER C 125 34.08 -43.17 -1.63
C SER C 125 33.79 -44.49 -2.35
N SER C 126 34.68 -44.86 -3.26
CA SER C 126 34.49 -46.08 -4.03
C SER C 126 35.42 -47.19 -3.56
N GLN D 1 -11.55 13.51 -10.51
CA GLN D 1 -12.06 14.18 -11.71
C GLN D 1 -12.00 15.71 -11.53
N VAL D 2 -11.47 16.40 -12.55
CA VAL D 2 -11.22 17.84 -12.51
C VAL D 2 -11.82 18.48 -13.76
N GLN D 3 -12.54 19.59 -13.58
CA GLN D 3 -13.17 20.31 -14.67
C GLN D 3 -12.51 21.67 -14.84
N LEU D 4 -12.25 22.04 -16.09
CA LEU D 4 -11.59 23.30 -16.44
C LEU D 4 -12.46 24.05 -17.43
N GLN D 5 -12.65 25.34 -17.17
CA GLN D 5 -13.51 26.16 -18.04
C GLN D 5 -12.82 27.50 -18.25
N GLU D 6 -12.38 27.75 -19.48
CA GLU D 6 -11.69 28.98 -19.82
C GLU D 6 -12.68 30.08 -20.20
N SER D 7 -12.23 31.32 -20.07
CA SER D 7 -13.00 32.47 -20.55
C SER D 7 -12.03 33.63 -20.74
N GLY D 8 -12.51 34.65 -21.44
CA GLY D 8 -11.75 35.88 -21.58
C GLY D 8 -11.06 36.07 -22.92
N GLY D 9 -11.23 35.14 -23.85
CA GLY D 9 -10.63 35.29 -25.17
C GLY D 9 -11.34 36.35 -25.98
N GLY D 10 -10.85 36.59 -27.18
CA GLY D 10 -11.49 37.52 -28.08
C GLY D 10 -10.46 38.23 -28.94
N LEU D 11 -10.93 39.32 -29.54
CA LEU D 11 -10.14 40.13 -30.45
C LEU D 11 -9.43 41.23 -29.70
N VAL D 12 -8.15 41.43 -30.01
CA VAL D 12 -7.36 42.49 -29.41
C VAL D 12 -6.43 43.05 -30.48
N MET D 13 -6.17 44.36 -30.39
CA MET D 13 -5.25 45.01 -31.32
C MET D 13 -3.81 44.75 -30.90
N THR D 14 -2.91 44.76 -31.88
CA THR D 14 -1.48 44.58 -31.61
C THR D 14 -1.01 45.57 -30.56
N GLY D 15 -0.19 45.07 -29.62
CA GLY D 15 0.25 45.86 -28.50
C GLY D 15 -0.68 45.87 -27.32
N GLY D 16 -1.89 45.34 -27.45
CA GLY D 16 -2.85 45.36 -26.38
C GLY D 16 -2.61 44.30 -25.33
N SER D 17 -3.53 44.24 -24.37
CA SER D 17 -3.49 43.31 -23.27
C SER D 17 -4.80 42.54 -23.21
N LEU D 18 -4.71 41.32 -22.68
CA LEU D 18 -5.88 40.49 -22.48
C LEU D 18 -5.57 39.54 -21.33
N ARG D 19 -6.56 39.29 -20.48
CA ARG D 19 -6.37 38.36 -19.37
C ARG D 19 -7.31 37.18 -19.54
N LEU D 20 -6.74 35.99 -19.71
CA LEU D 20 -7.52 34.78 -19.74
C LEU D 20 -7.70 34.26 -18.33
N SER D 21 -8.80 33.53 -18.12
CA SER D 21 -9.07 32.94 -16.83
C SER D 21 -9.53 31.51 -17.05
N CYS D 22 -9.29 30.66 -16.06
CA CYS D 22 -9.68 29.26 -16.13
C CYS D 22 -10.18 28.84 -14.77
N ALA D 23 -11.45 28.45 -14.69
CA ALA D 23 -12.04 28.00 -13.44
C ALA D 23 -11.79 26.51 -13.26
N VAL D 24 -11.21 26.15 -12.12
CA VAL D 24 -10.83 24.77 -11.80
C VAL D 24 -11.80 24.25 -10.76
N SER D 25 -12.46 23.13 -11.04
CA SER D 25 -13.43 22.58 -10.11
C SER D 25 -13.32 21.06 -10.10
N GLY D 26 -13.94 20.45 -9.10
CA GLY D 26 -13.82 19.02 -8.91
C GLY D 26 -12.75 18.72 -7.88
N ARG D 27 -11.91 17.73 -8.16
CA ARG D 27 -10.92 17.26 -7.20
C ARG D 27 -9.65 18.11 -7.31
N THR D 28 -9.71 19.30 -6.71
CA THR D 28 -8.58 20.21 -6.80
C THR D 28 -7.57 20.04 -5.67
N ILE D 29 -7.90 19.22 -4.66
CA ILE D 29 -7.03 19.09 -3.49
C ILE D 29 -5.62 18.66 -3.88
N ASP D 30 -5.49 17.75 -4.85
CA ASP D 30 -4.16 17.28 -5.23
C ASP D 30 -3.82 17.63 -6.67
N VAL D 31 -4.39 18.72 -7.17
CA VAL D 31 -3.86 19.33 -8.38
C VAL D 31 -2.51 19.95 -8.04
N SER D 32 -1.47 19.56 -8.77
CA SER D 32 -0.14 20.06 -8.46
C SER D 32 0.38 21.10 -9.44
N VAL D 33 -0.04 21.05 -10.72
CA VAL D 33 0.42 22.01 -11.71
C VAL D 33 -0.77 22.46 -12.55
N MET D 34 -0.89 23.78 -12.75
CA MET D 34 -1.81 24.36 -13.72
C MET D 34 -0.99 25.03 -14.81
N ALA D 35 -1.42 24.90 -16.07
CA ALA D 35 -0.65 25.47 -17.17
C ALA D 35 -1.56 25.98 -18.26
N TRP D 36 -0.99 26.82 -19.12
CA TRP D 36 -1.63 27.28 -20.34
C TRP D 36 -0.82 26.77 -21.55
N PHE D 37 -1.53 26.24 -22.54
CA PHE D 37 -1.00 25.87 -23.83
C PHE D 37 -1.71 26.68 -24.91
N ARG D 38 -1.15 26.69 -26.12
CA ARG D 38 -1.82 27.37 -27.23
C ARG D 38 -1.53 26.63 -28.53
N GLN D 39 -2.50 26.66 -29.45
CA GLN D 39 -2.36 25.97 -30.73
C GLN D 39 -2.81 26.90 -31.84
N ALA D 40 -1.86 27.33 -32.68
CA ALA D 40 -2.07 28.18 -33.83
C ALA D 40 -2.33 27.35 -35.08
N PRO D 41 -2.95 27.93 -36.10
CA PRO D 41 -3.25 27.17 -37.33
C PRO D 41 -2.00 26.56 -37.94
N GLY D 42 -2.12 25.29 -38.31
CA GLY D 42 -1.04 24.57 -38.95
C GLY D 42 0.19 24.34 -38.10
N LYS D 43 0.09 24.55 -36.79
CA LYS D 43 1.21 24.34 -35.90
C LYS D 43 0.80 23.39 -34.79
N GLU D 44 1.80 22.76 -34.17
CA GLU D 44 1.51 21.88 -33.05
C GLU D 44 1.21 22.71 -31.80
N ARG D 45 0.47 22.11 -30.87
CA ARG D 45 0.20 22.72 -29.58
C ARG D 45 1.49 22.98 -28.81
N GLU D 46 1.57 24.14 -28.17
CA GLU D 46 2.80 24.56 -27.49
C GLU D 46 2.54 25.01 -26.06
N PHE D 47 3.44 24.64 -25.16
CA PHE D 47 3.40 25.14 -23.79
C PHE D 47 3.60 26.65 -23.77
N VAL D 48 2.81 27.34 -22.95
CA VAL D 48 2.92 28.79 -22.80
C VAL D 48 3.47 29.17 -21.44
N SER D 49 2.77 28.82 -20.37
CA SER D 49 3.17 29.17 -19.02
C SER D 49 2.56 28.18 -18.04
N GLY D 50 3.26 27.91 -16.94
CA GLY D 50 2.81 26.96 -15.95
C GLY D 50 3.24 27.35 -14.55
N MET D 51 2.49 26.86 -13.56
CA MET D 51 2.79 27.17 -12.16
C MET D 51 2.52 25.96 -11.27
N ARG D 52 3.33 25.83 -10.22
CA ARG D 52 2.99 24.92 -9.14
C ARG D 52 1.74 25.43 -8.44
N TRP D 53 0.65 24.66 -8.50
CA TRP D 53 -0.67 25.16 -8.10
C TRP D 53 -0.65 25.67 -6.66
N SER D 54 -0.08 24.88 -5.75
CA SER D 54 0.02 25.26 -4.35
C SER D 54 1.41 25.74 -3.98
N GLY D 55 2.34 25.78 -4.93
CA GLY D 55 3.68 26.26 -4.69
C GLY D 55 3.94 27.66 -5.24
N MET D 56 5.21 28.01 -5.32
CA MET D 56 5.62 29.33 -5.77
C MET D 56 6.34 29.32 -7.11
N THR D 57 6.70 28.16 -7.65
CA THR D 57 7.50 28.15 -8.88
C THR D 57 6.58 28.33 -10.08
N THR D 58 7.04 29.10 -11.06
CA THR D 58 6.38 29.27 -12.34
C THR D 58 7.42 29.10 -13.44
N TYR D 59 6.94 28.84 -14.65
CA TYR D 59 7.83 28.78 -15.81
C TYR D 59 7.06 29.22 -17.05
N SER D 60 7.68 30.05 -17.87
CA SER D 60 7.09 30.53 -19.11
C SER D 60 8.01 30.21 -20.27
N ALA D 61 7.42 29.90 -21.43
CA ALA D 61 8.21 29.69 -22.63
C ALA D 61 8.97 30.96 -22.99
N ASP D 62 10.12 30.78 -23.65
CA ASP D 62 10.98 31.92 -23.97
C ASP D 62 10.26 32.94 -24.86
N SER D 63 9.36 32.48 -25.73
CA SER D 63 8.69 33.40 -26.65
C SER D 63 7.73 34.35 -25.97
N VAL D 64 7.32 34.06 -24.73
CA VAL D 64 6.36 34.90 -24.01
C VAL D 64 6.87 35.34 -22.64
N LYS D 65 8.10 34.96 -22.26
CA LYS D 65 8.52 35.08 -20.86
C LYS D 65 8.45 36.51 -20.33
N ASP D 66 8.72 37.51 -21.18
CA ASP D 66 8.72 38.89 -20.72
C ASP D 66 7.38 39.59 -20.90
N ARG D 67 6.36 38.89 -21.37
CA ARG D 67 5.08 39.51 -21.68
C ARG D 67 3.88 38.82 -21.04
N PHE D 68 3.96 37.53 -20.72
CA PHE D 68 2.84 36.78 -20.16
C PHE D 68 3.16 36.41 -18.72
N THR D 69 2.13 36.44 -17.86
CA THR D 69 2.27 36.06 -16.46
C THR D 69 1.13 35.14 -16.05
N ILE D 70 1.47 33.99 -15.44
CA ILE D 70 0.46 33.06 -14.92
C ILE D 70 0.34 33.29 -13.42
N SER D 71 -0.87 33.18 -12.89
CA SER D 71 -1.08 33.40 -11.46
C SER D 71 -2.36 32.71 -11.02
N ARG D 72 -2.47 32.49 -9.71
CA ARG D 72 -3.64 31.88 -9.09
C ARG D 72 -4.39 32.93 -8.27
N ASP D 73 -5.72 32.94 -8.41
CA ASP D 73 -6.53 33.87 -7.62
C ASP D 73 -6.38 33.57 -6.13
N LYS D 74 -6.38 34.64 -5.32
CA LYS D 74 -6.19 34.46 -3.89
C LYS D 74 -7.43 33.93 -3.19
N THR D 75 -8.61 34.11 -3.78
CA THR D 75 -9.86 33.66 -3.17
C THR D 75 -10.41 32.39 -3.80
N LYS D 76 -10.49 32.34 -5.13
CA LYS D 76 -11.15 31.25 -5.84
C LYS D 76 -10.14 30.36 -6.54
N ASN D 77 -10.63 29.18 -6.96
CA ASN D 77 -9.81 28.22 -7.70
C ASN D 77 -9.81 28.60 -9.18
N THR D 78 -9.17 29.73 -9.46
CA THR D 78 -9.08 30.25 -10.82
C THR D 78 -7.62 30.57 -11.13
N VAL D 79 -7.16 30.15 -12.29
CA VAL D 79 -5.83 30.49 -12.77
C VAL D 79 -5.96 31.51 -13.89
N TYR D 80 -5.03 32.46 -13.93
CA TYR D 80 -5.07 33.54 -14.91
C TYR D 80 -3.86 33.47 -15.83
N LEU D 81 -4.06 33.90 -17.08
CA LEU D 81 -2.95 34.20 -17.97
C LEU D 81 -3.08 35.66 -18.37
N GLN D 82 -2.18 36.50 -17.84
CA GLN D 82 -2.12 37.91 -18.20
C GLN D 82 -1.21 38.05 -19.41
N MET D 83 -1.77 38.52 -20.52
CA MET D 83 -1.02 38.64 -21.78
C MET D 83 -0.86 40.12 -22.12
N ASN D 84 0.39 40.59 -22.14
CA ASN D 84 0.70 41.97 -22.45
C ASN D 84 1.51 42.03 -23.73
N SER D 85 1.53 43.21 -24.35
CA SER D 85 2.30 43.46 -25.57
C SER D 85 2.02 42.39 -26.63
N LEU D 86 0.73 42.07 -26.80
CA LEU D 86 0.34 41.01 -27.72
C LEU D 86 0.76 41.34 -29.15
N LYS D 87 1.08 40.31 -29.90
CA LYS D 87 1.52 40.40 -31.29
C LYS D 87 0.64 39.49 -32.13
N PRO D 88 0.56 39.73 -33.44
CA PRO D 88 -0.21 38.83 -34.30
C PRO D 88 0.19 37.37 -34.16
N GLU D 89 1.47 37.08 -33.94
CA GLU D 89 1.92 35.71 -33.80
C GLU D 89 1.40 35.05 -32.52
N ASP D 90 0.78 35.81 -31.62
CA ASP D 90 0.16 35.25 -30.44
C ASP D 90 -1.24 34.71 -30.72
N THR D 91 -1.73 34.91 -31.94
CA THR D 91 -3.06 34.42 -32.30
C THR D 91 -3.09 32.90 -32.22
N ALA D 92 -4.04 32.36 -31.46
CA ALA D 92 -4.15 30.92 -31.28
C ALA D 92 -5.38 30.62 -30.44
N VAL D 93 -5.70 29.34 -30.35
CA VAL D 93 -6.61 28.85 -29.32
C VAL D 93 -5.76 28.54 -28.09
N TYR D 94 -6.16 29.12 -26.96
CA TYR D 94 -5.43 28.95 -25.70
C TYR D 94 -6.19 27.96 -24.84
N TYR D 95 -5.47 26.99 -24.28
CA TYR D 95 -6.07 25.91 -23.52
C TYR D 95 -5.53 25.94 -22.10
N CYS D 96 -6.43 25.72 -21.15
CA CYS D 96 -6.07 25.51 -19.75
C CYS D 96 -5.84 24.03 -19.52
N ALA D 97 -4.82 23.69 -18.71
CA ALA D 97 -4.48 22.29 -18.49
C ALA D 97 -4.08 22.06 -17.04
N ALA D 98 -4.46 20.90 -16.50
CA ALA D 98 -4.19 20.58 -15.11
C ALA D 98 -3.40 19.28 -14.99
N ARG D 99 -2.49 19.24 -14.02
CA ARG D 99 -1.74 18.03 -13.71
C ARG D 99 -2.03 17.65 -12.27
N SER D 100 -2.55 16.44 -12.07
CA SER D 100 -2.81 15.94 -10.73
C SER D 100 -1.83 14.88 -10.28
N ARG D 101 -1.31 14.06 -11.18
CA ARG D 101 -0.33 13.05 -10.79
C ARG D 101 0.92 13.71 -10.21
N PHE D 102 1.52 13.06 -9.22
CA PHE D 102 2.65 13.65 -8.53
C PHE D 102 3.80 13.90 -9.49
N ILE D 103 4.43 15.08 -9.37
CA ILE D 103 5.58 15.39 -10.21
C ILE D 103 6.41 16.47 -9.52
N VAL D 104 7.70 16.47 -9.79
CA VAL D 104 8.58 17.56 -9.36
C VAL D 104 8.66 18.60 -10.46
N GLY D 105 8.43 19.85 -10.10
CA GLY D 105 8.60 20.96 -11.03
C GLY D 105 7.36 21.21 -11.88
N VAL D 106 7.58 21.98 -12.95
CA VAL D 106 6.53 22.40 -13.87
C VAL D 106 6.79 21.75 -15.22
N PRO D 107 6.07 20.70 -15.59
CA PRO D 107 6.34 20.06 -16.88
C PRO D 107 5.85 20.90 -18.06
N GLN D 108 6.55 20.77 -19.19
CA GLN D 108 6.16 21.46 -20.42
C GLN D 108 5.56 20.53 -21.47
N ALA D 109 5.71 19.21 -21.31
CA ALA D 109 5.19 18.26 -22.30
C ALA D 109 3.68 18.15 -22.17
N ARG D 110 2.98 18.35 -23.29
CA ARG D 110 1.53 18.28 -23.27
C ARG D 110 1.03 16.92 -22.79
N ASP D 111 1.76 15.84 -23.09
CA ASP D 111 1.25 14.51 -22.76
CA ASP D 111 1.25 14.51 -22.76
C ASP D 111 1.36 14.19 -21.28
N LEU D 112 2.00 15.06 -20.48
CA LEU D 112 2.07 14.86 -19.03
C LEU D 112 0.89 15.46 -18.29
N TYR D 113 0.09 16.32 -18.94
CA TYR D 113 -1.04 16.93 -18.25
C TYR D 113 -2.23 15.99 -18.25
N ASP D 114 -3.07 16.12 -17.23
CA ASP D 114 -4.12 15.16 -16.97
C ASP D 114 -5.50 15.62 -17.42
N TYR D 115 -5.75 16.93 -17.40
CA TYR D 115 -7.06 17.47 -17.71
C TYR D 115 -6.87 18.69 -18.61
N TRP D 116 -7.82 18.91 -19.52
CA TRP D 116 -7.72 19.98 -20.50
C TRP D 116 -9.03 20.74 -20.59
N GLY D 117 -8.93 22.05 -20.77
CA GLY D 117 -10.10 22.86 -21.08
C GLY D 117 -10.48 22.74 -22.54
N GLN D 118 -11.60 23.40 -22.89
CA GLN D 118 -12.10 23.34 -24.25
C GLN D 118 -11.41 24.33 -25.18
N GLY D 119 -10.68 25.29 -24.64
CA GLY D 119 -9.95 26.25 -25.43
C GLY D 119 -10.75 27.53 -25.65
N THR D 120 -10.01 28.63 -25.81
CA THR D 120 -10.64 29.92 -26.10
C THR D 120 -9.79 30.65 -27.13
N GLN D 121 -10.46 31.15 -28.17
CA GLN D 121 -9.75 31.81 -29.27
C GLN D 121 -9.26 33.19 -28.87
N VAL D 122 -7.99 33.46 -29.15
CA VAL D 122 -7.41 34.79 -29.02
C VAL D 122 -6.94 35.22 -30.39
N THR D 123 -7.40 36.40 -30.83
CA THR D 123 -7.06 36.94 -32.14
C THR D 123 -6.43 38.31 -31.95
N VAL D 124 -5.22 38.48 -32.45
CA VAL D 124 -4.48 39.73 -32.37
C VAL D 124 -4.39 40.30 -33.78
N SER D 125 -5.05 41.43 -34.02
CA SER D 125 -5.09 42.04 -35.34
C SER D 125 -4.19 43.26 -35.39
N SER D 126 -3.58 43.47 -36.55
CA SER D 126 -2.65 44.58 -36.75
C SER D 126 -3.29 45.71 -37.55
#